data_6TWX
#
_entry.id   6TWX
#
_cell.length_a   61.470
_cell.length_b   96.550
_cell.length_c   198.520
_cell.angle_alpha   90.000
_cell.angle_beta   90.000
_cell.angle_gamma   90.000
#
_symmetry.space_group_name_H-M   'P 2 21 21'
#
loop_
_entity.id
_entity.type
_entity.pdbx_description
1 polymer 'Membrane-associated guanylate kinase, WW and PDZ domain-containing protein 1,Annexin A2'
2 polymer '16E6 peptide'
3 non-polymer GLYCEROL
4 non-polymer 'CITRIC ACID'
5 non-polymer 'CALCIUM ION'
6 water water
#
loop_
_entity_poly.entity_id
_entity_poly.type
_entity_poly.pdbx_seq_one_letter_code
_entity_poly.pdbx_strand_id
1 'polypeptide(L)'
;GSMGKPFFTRNPSELKGKFIHTKLRKSSRGFGFTVVGGDEPDEFLQIKSLVLDGPAALDGKMETGDVIVSVNDTCVLGHT
HAQVVKIFQSIPIGASVDLELCRGYPLGSSAYGSVKAYTNFDAERDALNIETAIKTKGVDEVTIVNILTNRSNEQRQDIA
FAYQRRTKKELASALKSALSGHLETVILGLLKTPAQYDASELKASMKGLGTDEDSLIEIICSRTNQELQEINRVYKEMYK
TDLEKDIISDTSGDFRKLMVALAKGRRAEDGSVIDYELIDQDARDLYDAGVKRKGTDVPKWISIMTERSVPHLQKVFDRY
KSYSPYDMLESIRKEVKGDLENAFLNLVQCIQNKPLYFADRLYDSMKGKGTRDKVLIRIMVSRSEVDMLKIRSEFKRKYG
KSLYYYIQQDTKGDYQKALLYLCGGDD
;
A,B
2 'polypeptide(L)' SSRTRRE(TPO)QL C,D
#
loop_
_chem_comp.id
_chem_comp.type
_chem_comp.name
_chem_comp.formula
CA non-polymer 'CALCIUM ION' 'Ca 2'
CIT non-polymer 'CITRIC ACID' 'C6 H8 O7'
GOL non-polymer GLYCEROL 'C3 H8 O3'
#
# COMPACT_ATOMS: atom_id res chain seq x y z
N PHE A 7 -33.28 1.87 -9.42
CA PHE A 7 -34.40 2.76 -9.09
C PHE A 7 -34.38 3.15 -7.61
N PHE A 8 -34.43 4.45 -7.35
CA PHE A 8 -34.39 5.01 -6.00
C PHE A 8 -35.47 6.08 -5.87
N THR A 9 -36.08 6.15 -4.68
CA THR A 9 -37.06 7.18 -4.38
C THR A 9 -37.12 7.37 -2.86
N ARG A 10 -37.14 8.63 -2.43
CA ARG A 10 -37.26 8.95 -1.01
C ARG A 10 -38.68 9.28 -0.60
N ASN A 11 -39.67 8.90 -1.41
CA ASN A 11 -41.07 9.05 -1.09
C ASN A 11 -41.70 7.68 -0.84
N PRO A 12 -42.40 7.50 0.28
CA PRO A 12 -43.16 6.25 0.45
C PRO A 12 -44.33 6.10 -0.52
N SER A 13 -44.85 7.19 -1.09
CA SER A 13 -45.96 7.12 -2.03
C SER A 13 -45.52 6.75 -3.44
N GLU A 14 -44.22 6.63 -3.69
CA GLU A 14 -43.71 6.20 -4.99
C GLU A 14 -43.05 4.83 -4.92
N LEU A 15 -43.02 4.20 -3.75
CA LEU A 15 -42.62 2.80 -3.64
C LEU A 15 -43.79 1.91 -4.03
N LYS A 16 -43.51 0.93 -4.88
CA LYS A 16 -44.56 0.09 -5.47
C LYS A 16 -44.44 -1.36 -5.03
N GLY A 17 -43.89 -1.60 -3.84
CA GLY A 17 -43.78 -2.92 -3.28
C GLY A 17 -44.82 -3.18 -2.21
N LYS A 18 -44.49 -4.09 -1.30
CA LYS A 18 -45.36 -4.47 -0.19
C LYS A 18 -44.77 -3.92 1.11
N PHE A 19 -45.60 -3.22 1.88
CA PHE A 19 -45.19 -2.61 3.13
C PHE A 19 -45.45 -3.56 4.29
N ILE A 20 -44.46 -3.73 5.16
CA ILE A 20 -44.55 -4.64 6.30
C ILE A 20 -44.13 -3.89 7.55
N HIS A 21 -45.01 -3.81 8.53
CA HIS A 21 -44.72 -3.19 9.83
C HIS A 21 -44.31 -4.26 10.82
N THR A 22 -43.21 -4.01 11.53
CA THR A 22 -42.68 -4.95 12.52
C THR A 22 -42.13 -4.18 13.71
N LYS A 23 -42.15 -4.82 14.87
CA LYS A 23 -41.65 -4.24 16.11
C LYS A 23 -40.61 -5.17 16.72
N LEU A 24 -39.43 -4.64 17.04
CA LEU A 24 -38.32 -5.42 17.56
C LEU A 24 -37.80 -4.81 18.85
N ARG A 25 -37.26 -5.66 19.72
CA ARG A 25 -36.57 -5.25 20.93
C ARG A 25 -35.09 -5.56 20.78
N LYS A 26 -34.25 -4.56 21.07
CA LYS A 26 -32.81 -4.73 20.95
C LYS A 26 -32.31 -5.61 22.11
N SER A 27 -31.80 -6.79 21.78
CA SER A 27 -31.29 -7.71 22.80
C SER A 27 -29.86 -7.33 23.19
N SER A 28 -29.11 -8.30 23.70
CA SER A 28 -27.73 -8.06 24.09
C SER A 28 -26.77 -8.05 22.90
N ARG A 29 -27.16 -8.66 21.79
CA ARG A 29 -26.33 -8.72 20.58
C ARG A 29 -26.99 -7.96 19.44
N GLY A 30 -27.58 -6.81 19.74
CA GLY A 30 -28.23 -6.00 18.73
C GLY A 30 -29.57 -6.58 18.30
N PHE A 31 -30.17 -5.92 17.30
CA PHE A 31 -31.41 -6.41 16.73
C PHE A 31 -31.22 -7.70 15.94
N GLY A 32 -29.99 -8.00 15.52
CA GLY A 32 -29.69 -9.25 14.87
C GLY A 32 -29.81 -9.23 13.37
N PHE A 33 -29.24 -8.21 12.72
CA PHE A 33 -29.28 -8.13 11.27
C PHE A 33 -28.22 -7.15 10.78
N THR A 34 -27.83 -7.32 9.52
CA THR A 34 -26.87 -6.45 8.85
C THR A 34 -27.58 -5.67 7.76
N VAL A 35 -27.31 -4.37 7.70
CA VAL A 35 -27.89 -3.51 6.68
C VAL A 35 -26.81 -3.14 5.68
N VAL A 36 -27.23 -2.89 4.43
CA VAL A 36 -26.32 -2.55 3.35
C VAL A 36 -26.98 -1.49 2.47
N GLY A 37 -26.15 -0.78 1.71
CA GLY A 37 -26.60 0.31 0.89
C GLY A 37 -26.47 1.65 1.60
N GLY A 38 -26.91 2.69 0.90
CA GLY A 38 -26.86 4.03 1.46
C GLY A 38 -25.49 4.68 1.43
N ASP A 39 -24.66 4.37 0.44
CA ASP A 39 -23.35 5.00 0.28
C ASP A 39 -23.32 5.98 -0.87
N GLU A 40 -23.71 5.54 -2.08
CA GLU A 40 -23.85 6.47 -3.20
C GLU A 40 -25.15 7.26 -3.05
N PRO A 41 -25.15 8.57 -3.43
CA PRO A 41 -26.29 9.46 -3.15
C PRO A 41 -27.69 8.83 -3.22
N ASP A 42 -28.10 8.43 -4.42
CA ASP A 42 -29.45 7.86 -4.61
C ASP A 42 -29.38 6.34 -4.52
N GLU A 43 -29.43 5.84 -3.29
CA GLU A 43 -29.37 4.41 -3.03
C GLU A 43 -30.24 4.09 -1.81
N PHE A 44 -30.81 2.90 -1.82
CA PHE A 44 -31.70 2.45 -0.76
C PHE A 44 -30.90 1.87 0.41
N LEU A 45 -31.61 1.41 1.43
CA LEU A 45 -31.04 0.72 2.58
C LEU A 45 -31.76 -0.61 2.75
N GLN A 46 -31.09 -1.68 2.37
CA GLN A 46 -31.69 -3.01 2.35
C GLN A 46 -31.04 -3.91 3.39
N ILE A 47 -31.79 -4.92 3.82
CA ILE A 47 -31.31 -5.87 4.81
C ILE A 47 -30.36 -6.85 4.12
N LYS A 48 -29.13 -6.96 4.64
CA LYS A 48 -28.16 -7.87 4.04
C LYS A 48 -28.34 -9.29 4.57
N SER A 49 -28.14 -9.49 5.87
CA SER A 49 -28.26 -10.80 6.48
C SER A 49 -28.96 -10.67 7.83
N LEU A 50 -29.42 -11.81 8.35
CA LEU A 50 -30.16 -11.86 9.61
C LEU A 50 -29.49 -12.88 10.52
N VAL A 51 -29.09 -12.45 11.73
CA VAL A 51 -28.59 -13.38 12.74
C VAL A 51 -29.73 -14.29 13.16
N LEU A 52 -29.60 -15.58 12.86
CA LEU A 52 -30.70 -16.52 13.03
C LEU A 52 -31.01 -16.83 14.49
N ASP A 53 -30.20 -16.35 15.44
CA ASP A 53 -30.55 -16.40 16.86
C ASP A 53 -30.79 -15.00 17.43
N GLY A 54 -30.98 -14.00 16.55
CA GLY A 54 -31.19 -12.64 16.99
C GLY A 54 -32.64 -12.20 16.88
N PRO A 55 -32.96 -11.07 17.51
CA PRO A 55 -34.37 -10.63 17.55
C PRO A 55 -34.97 -10.30 16.20
N ALA A 56 -34.15 -9.97 15.19
CA ALA A 56 -34.70 -9.67 13.86
C ALA A 56 -35.15 -10.94 13.15
N ALA A 57 -34.33 -11.99 13.17
CA ALA A 57 -34.74 -13.25 12.57
C ALA A 57 -35.83 -13.94 13.39
N LEU A 58 -35.88 -13.67 14.71
CA LEU A 58 -36.92 -14.24 15.56
C LEU A 58 -38.30 -13.84 15.06
N ASP A 59 -38.50 -12.54 14.83
CA ASP A 59 -39.81 -12.05 14.38
C ASP A 59 -40.22 -12.71 13.06
N GLY A 60 -39.30 -12.82 12.12
CA GLY A 60 -39.57 -13.48 10.85
C GLY A 60 -40.33 -12.64 9.83
N LYS A 61 -40.65 -11.39 10.15
CA LYS A 61 -41.28 -10.48 9.19
C LYS A 61 -40.26 -9.75 8.33
N MET A 62 -38.98 -9.82 8.67
CA MET A 62 -37.94 -9.08 7.97
C MET A 62 -37.11 -10.03 7.12
N GLU A 63 -36.84 -9.61 5.88
CA GLU A 63 -36.15 -10.46 4.92
C GLU A 63 -35.04 -9.66 4.25
N THR A 64 -34.14 -10.39 3.59
CA THR A 64 -33.06 -9.76 2.85
C THR A 64 -33.61 -9.07 1.60
N GLY A 65 -33.11 -7.86 1.34
CA GLY A 65 -33.61 -7.05 0.25
C GLY A 65 -34.72 -6.09 0.63
N ASP A 66 -35.24 -6.18 1.85
CA ASP A 66 -36.24 -5.23 2.32
C ASP A 66 -35.65 -3.83 2.42
N VAL A 67 -36.31 -2.87 1.79
CA VAL A 67 -35.92 -1.47 1.91
C VAL A 67 -36.48 -0.91 3.21
N ILE A 68 -35.60 -0.27 4.00
CA ILE A 68 -36.00 0.32 5.28
C ILE A 68 -36.60 1.69 4.97
N VAL A 69 -37.94 1.78 5.04
CA VAL A 69 -38.63 3.02 4.68
C VAL A 69 -38.57 4.03 5.82
N SER A 70 -38.82 3.60 7.05
CA SER A 70 -38.83 4.49 8.19
C SER A 70 -38.40 3.75 9.44
N VAL A 71 -37.90 4.52 10.42
CA VAL A 71 -37.44 4.00 11.70
C VAL A 71 -37.91 4.95 12.79
N ASN A 72 -38.69 4.45 13.74
CA ASN A 72 -39.19 5.24 14.87
C ASN A 72 -39.93 6.48 14.39
N ASP A 73 -40.91 6.28 13.50
CA ASP A 73 -41.76 7.35 12.98
C ASP A 73 -40.96 8.43 12.25
N THR A 74 -39.83 8.06 11.64
CA THR A 74 -38.99 9.00 10.91
C THR A 74 -38.54 8.35 9.61
N CYS A 75 -38.84 8.99 8.49
CA CYS A 75 -38.48 8.46 7.19
C CYS A 75 -36.96 8.46 7.04
N VAL A 76 -36.40 7.29 6.73
CA VAL A 76 -34.97 7.15 6.47
C VAL A 76 -34.70 6.84 5.00
N LEU A 77 -35.69 7.04 4.13
CA LEU A 77 -35.48 6.91 2.69
C LEU A 77 -34.62 8.07 2.20
N GLY A 78 -33.42 7.76 1.71
CA GLY A 78 -32.50 8.78 1.25
C GLY A 78 -31.48 9.22 2.28
N HIS A 79 -31.49 8.63 3.47
CA HIS A 79 -30.46 8.92 4.46
C HIS A 79 -29.22 8.07 4.19
N THR A 80 -28.07 8.57 4.61
CA THR A 80 -26.81 7.87 4.39
C THR A 80 -26.73 6.62 5.26
N HIS A 81 -25.69 5.82 5.02
CA HIS A 81 -25.54 4.56 5.75
C HIS A 81 -25.19 4.78 7.21
N ALA A 82 -24.49 5.88 7.52
CA ALA A 82 -24.10 6.18 8.90
C ALA A 82 -25.18 6.90 9.69
N GLN A 83 -26.16 7.52 9.02
CA GLN A 83 -27.22 8.23 9.74
C GLN A 83 -28.22 7.26 10.36
N VAL A 84 -28.60 6.21 9.63
CA VAL A 84 -29.55 5.24 10.17
C VAL A 84 -28.87 4.19 11.03
N VAL A 85 -27.55 4.00 10.88
CA VAL A 85 -26.83 3.10 11.78
C VAL A 85 -26.72 3.73 13.17
N LYS A 86 -26.59 5.06 13.25
CA LYS A 86 -26.55 5.74 14.54
C LYS A 86 -27.91 5.72 15.24
N ILE A 87 -29.01 5.56 14.50
CA ILE A 87 -30.33 5.48 15.13
C ILE A 87 -30.48 4.16 15.87
N PHE A 88 -30.16 3.04 15.22
CA PHE A 88 -30.31 1.74 15.85
C PHE A 88 -29.30 1.53 16.98
N GLN A 89 -28.12 2.13 16.87
CA GLN A 89 -27.10 1.98 17.91
C GLN A 89 -27.42 2.81 19.14
N SER A 90 -28.09 3.95 18.97
CA SER A 90 -28.48 4.76 20.11
C SER A 90 -29.59 4.12 20.93
N ILE A 91 -30.36 3.21 20.33
CA ILE A 91 -31.38 2.44 21.05
C ILE A 91 -30.69 1.62 22.13
N PRO A 92 -31.01 1.82 23.40
CA PRO A 92 -30.40 1.01 24.46
C PRO A 92 -30.86 -0.44 24.38
N ILE A 93 -30.29 -1.26 25.27
CA ILE A 93 -30.62 -2.68 25.34
C ILE A 93 -31.92 -2.84 26.10
N GLY A 94 -32.91 -3.46 25.46
CA GLY A 94 -34.22 -3.66 26.03
C GLY A 94 -35.30 -2.74 25.48
N ALA A 95 -34.91 -1.66 24.81
CA ALA A 95 -35.86 -0.73 24.22
C ALA A 95 -36.39 -1.29 22.90
N SER A 96 -37.45 -0.67 22.40
CA SER A 96 -38.16 -1.14 21.22
C SER A 96 -37.91 -0.20 20.04
N VAL A 97 -37.78 -0.79 18.86
CA VAL A 97 -37.71 -0.02 17.62
C VAL A 97 -38.85 -0.48 16.72
N ASP A 98 -39.35 0.44 15.89
CA ASP A 98 -40.42 0.15 14.94
C ASP A 98 -39.90 0.36 13.53
N LEU A 99 -40.18 -0.60 12.64
CA LEU A 99 -39.65 -0.61 11.29
C LEU A 99 -40.77 -0.85 10.29
N GLU A 100 -40.88 0.04 9.31
CA GLU A 100 -41.71 -0.17 8.13
C GLU A 100 -40.80 -0.55 6.97
N LEU A 101 -41.01 -1.73 6.41
CA LEU A 101 -40.14 -2.26 5.35
C LEU A 101 -40.91 -2.37 4.05
N CYS A 102 -40.15 -2.45 2.95
CA CYS A 102 -40.70 -2.52 1.60
C CYS A 102 -39.96 -3.61 0.84
N ARG A 103 -40.71 -4.58 0.32
CA ARG A 103 -40.13 -5.68 -0.44
C ARG A 103 -40.62 -5.64 -1.88
N GLY A 104 -39.73 -5.98 -2.80
CA GLY A 104 -40.03 -5.95 -4.22
C GLY A 104 -38.87 -5.41 -5.03
N TYR A 105 -37.81 -4.96 -4.34
CA TYR A 105 -36.62 -4.36 -4.89
C TYR A 105 -35.45 -5.33 -4.81
N PRO A 106 -34.51 -5.28 -5.79
CA PRO A 106 -33.48 -6.31 -5.89
C PRO A 106 -32.50 -6.35 -4.72
N LEU A 107 -31.35 -5.69 -4.88
CA LEU A 107 -30.31 -5.74 -3.86
C LEU A 107 -29.42 -4.51 -3.94
N GLY A 108 -29.64 -3.66 -4.93
CA GLY A 108 -28.88 -2.44 -5.06
C GLY A 108 -27.53 -2.62 -5.71
N SER A 109 -26.65 -3.42 -5.08
CA SER A 109 -25.34 -3.69 -5.65
C SER A 109 -25.46 -4.33 -7.02
N SER A 110 -26.20 -5.43 -7.11
CA SER A 110 -26.44 -6.13 -8.38
C SER A 110 -27.72 -5.65 -9.06
N ALA A 111 -28.05 -4.36 -8.97
CA ALA A 111 -29.32 -3.86 -9.47
C ALA A 111 -29.46 -4.11 -10.97
N TYR A 112 -28.38 -3.94 -11.72
CA TYR A 112 -28.41 -4.09 -13.17
C TYR A 112 -27.69 -5.34 -13.66
N GLY A 113 -27.27 -6.22 -12.75
CA GLY A 113 -26.78 -7.51 -13.16
C GLY A 113 -27.88 -8.39 -13.73
N SER A 114 -27.47 -9.40 -14.48
CA SER A 114 -28.40 -10.41 -14.98
C SER A 114 -28.49 -11.61 -14.06
N VAL A 115 -27.40 -11.96 -13.41
CA VAL A 115 -27.35 -13.08 -12.47
C VAL A 115 -27.59 -12.53 -11.07
N LYS A 116 -28.63 -13.05 -10.40
CA LYS A 116 -28.98 -12.64 -9.05
C LYS A 116 -28.75 -13.79 -8.08
N ALA A 117 -28.61 -13.44 -6.81
CA ALA A 117 -28.45 -14.45 -5.76
C ALA A 117 -29.66 -15.37 -5.73
N TYR A 118 -29.39 -16.67 -5.62
CA TYR A 118 -30.46 -17.66 -5.56
C TYR A 118 -31.08 -17.65 -4.17
N THR A 119 -32.41 -17.53 -4.11
CA THR A 119 -33.10 -17.35 -2.83
C THR A 119 -32.90 -18.55 -1.91
N ASN A 120 -33.40 -19.72 -2.32
CA ASN A 120 -33.29 -20.90 -1.47
C ASN A 120 -31.92 -21.54 -1.62
N PHE A 121 -30.86 -20.78 -1.37
CA PHE A 121 -29.52 -21.27 -1.59
C PHE A 121 -29.14 -22.32 -0.54
N ASP A 122 -28.52 -23.40 -1.00
CA ASP A 122 -28.00 -24.44 -0.12
C ASP A 122 -26.69 -24.93 -0.72
N ALA A 123 -25.57 -24.45 -0.17
CA ALA A 123 -24.27 -24.76 -0.77
C ALA A 123 -23.97 -26.24 -0.72
N GLU A 124 -24.35 -26.91 0.38
CA GLU A 124 -24.10 -28.35 0.50
C GLU A 124 -24.85 -29.13 -0.56
N ARG A 125 -26.11 -28.78 -0.82
CA ARG A 125 -26.89 -29.47 -1.84
C ARG A 125 -26.32 -29.20 -3.23
N ASP A 126 -25.90 -27.96 -3.49
CA ASP A 126 -25.31 -27.66 -4.78
C ASP A 126 -23.99 -28.40 -4.97
N ALA A 127 -23.16 -28.43 -3.92
CA ALA A 127 -21.87 -29.11 -4.03
C ALA A 127 -22.05 -30.60 -4.27
N LEU A 128 -23.03 -31.23 -3.61
CA LEU A 128 -23.28 -32.64 -3.87
C LEU A 128 -23.78 -32.85 -5.29
N ASN A 129 -24.76 -32.04 -5.72
CA ASN A 129 -25.28 -32.18 -7.07
C ASN A 129 -24.20 -31.96 -8.12
N ILE A 130 -23.24 -31.08 -7.85
CA ILE A 130 -22.15 -30.88 -8.79
C ILE A 130 -21.18 -32.06 -8.74
N GLU A 131 -20.93 -32.62 -7.55
CA GLU A 131 -20.11 -33.83 -7.48
C GLU A 131 -20.78 -34.99 -8.20
N THR A 132 -22.10 -35.12 -8.05
CA THR A 132 -22.82 -36.19 -8.73
C THR A 132 -22.77 -36.01 -10.25
N ALA A 133 -22.89 -34.76 -10.71
CA ALA A 133 -22.78 -34.49 -12.14
C ALA A 133 -21.40 -34.84 -12.68
N ILE A 134 -20.35 -34.48 -11.93
CA ILE A 134 -18.98 -34.74 -12.36
C ILE A 134 -18.74 -36.23 -12.50
N LYS A 135 -19.18 -37.01 -11.51
CA LYS A 135 -18.91 -38.43 -11.49
C LYS A 135 -19.98 -39.27 -12.18
N THR A 136 -20.96 -38.63 -12.82
CA THR A 136 -21.87 -39.34 -13.70
C THR A 136 -21.13 -39.78 -14.96
N LYS A 137 -21.39 -41.02 -15.39
CA LYS A 137 -20.74 -41.54 -16.59
C LYS A 137 -20.99 -40.61 -17.78
N GLY A 138 -19.91 -40.04 -18.32
CA GLY A 138 -20.00 -39.09 -19.40
C GLY A 138 -20.10 -37.63 -18.97
N VAL A 139 -20.16 -37.36 -17.67
CA VAL A 139 -20.22 -36.01 -17.10
C VAL A 139 -21.52 -35.31 -17.46
N ASP A 140 -22.26 -34.89 -16.44
CA ASP A 140 -23.54 -34.19 -16.64
C ASP A 140 -23.23 -32.69 -16.63
N GLU A 141 -22.87 -32.18 -17.82
CA GLU A 141 -22.50 -30.77 -17.93
C GLU A 141 -23.71 -29.86 -17.75
N VAL A 142 -24.89 -30.29 -18.21
CA VAL A 142 -26.10 -29.48 -18.07
C VAL A 142 -26.35 -29.13 -16.61
N THR A 143 -26.15 -30.09 -15.71
CA THR A 143 -26.34 -29.81 -14.28
C THR A 143 -25.32 -28.79 -13.79
N ILE A 144 -24.04 -28.98 -14.13
CA ILE A 144 -23.01 -28.04 -13.73
C ILE A 144 -23.32 -26.64 -14.27
N VAL A 145 -23.86 -26.57 -15.49
CA VAL A 145 -24.18 -25.28 -16.08
C VAL A 145 -25.41 -24.67 -15.42
N ASN A 146 -26.47 -25.46 -15.27
CA ASN A 146 -27.71 -24.95 -14.68
C ASN A 146 -27.50 -24.40 -13.27
N ILE A 147 -26.53 -24.92 -12.54
CA ILE A 147 -26.36 -24.49 -11.16
C ILE A 147 -25.48 -23.25 -11.12
N LEU A 148 -24.26 -23.37 -11.63
CA LEU A 148 -23.29 -22.30 -11.42
C LEU A 148 -23.72 -21.00 -12.08
N THR A 149 -24.41 -21.07 -13.21
CA THR A 149 -24.83 -19.83 -13.88
C THR A 149 -26.08 -19.21 -13.26
N ASN A 150 -26.71 -19.88 -12.30
CA ASN A 150 -27.86 -19.33 -11.60
C ASN A 150 -27.58 -19.11 -10.12
N ARG A 151 -26.30 -19.01 -9.76
CA ARG A 151 -25.88 -18.58 -8.43
C ARG A 151 -25.01 -17.34 -8.58
N SER A 152 -25.05 -16.48 -7.56
CA SER A 152 -24.13 -15.35 -7.55
C SER A 152 -22.70 -15.84 -7.36
N ASN A 153 -21.76 -14.95 -7.65
CA ASN A 153 -20.35 -15.25 -7.40
C ASN A 153 -20.11 -15.59 -5.93
N GLU A 154 -20.72 -14.82 -5.02
CA GLU A 154 -20.63 -15.11 -3.59
C GLU A 154 -21.12 -16.51 -3.30
N GLN A 155 -22.25 -16.90 -3.89
CA GLN A 155 -22.77 -18.24 -3.67
C GLN A 155 -21.87 -19.29 -4.28
N ARG A 156 -21.19 -18.97 -5.40
CA ARG A 156 -20.25 -19.92 -5.97
C ARG A 156 -19.03 -20.12 -5.07
N GLN A 157 -18.69 -19.15 -4.22
CA GLN A 157 -17.61 -19.36 -3.27
C GLN A 157 -18.03 -20.32 -2.16
N ASP A 158 -19.28 -20.22 -1.70
CA ASP A 158 -19.76 -21.16 -0.70
C ASP A 158 -19.82 -22.58 -1.26
N ILE A 159 -20.23 -22.71 -2.52
CA ILE A 159 -20.31 -24.03 -3.15
C ILE A 159 -18.93 -24.66 -3.23
N ALA A 160 -17.93 -23.89 -3.68
CA ALA A 160 -16.58 -24.42 -3.79
C ALA A 160 -16.02 -24.81 -2.43
N PHE A 161 -16.44 -24.11 -1.37
CA PHE A 161 -16.01 -24.46 -0.02
C PHE A 161 -16.68 -25.74 0.45
N ALA A 162 -17.99 -25.87 0.23
CA ALA A 162 -18.69 -27.09 0.60
C ALA A 162 -18.16 -28.28 -0.19
N TYR A 163 -17.85 -28.07 -1.47
CA TYR A 163 -17.34 -29.16 -2.29
C TYR A 163 -15.98 -29.62 -1.81
N GLN A 164 -15.14 -28.68 -1.37
CA GLN A 164 -13.86 -29.06 -0.78
C GLN A 164 -14.07 -29.74 0.58
N ARG A 165 -15.07 -29.29 1.33
CA ARG A 165 -15.40 -29.94 2.60
C ARG A 165 -15.84 -31.38 2.40
N ARG A 166 -16.52 -31.67 1.30
CA ARG A 166 -17.09 -32.99 1.07
C ARG A 166 -16.11 -33.94 0.39
N THR A 167 -15.33 -33.44 -0.57
CA THR A 167 -14.51 -34.30 -1.42
C THR A 167 -13.03 -34.28 -1.08
N LYS A 168 -12.58 -33.33 -0.25
CA LYS A 168 -11.17 -33.06 -0.02
C LYS A 168 -10.42 -32.73 -1.31
N LYS A 169 -11.15 -32.31 -2.35
CA LYS A 169 -10.57 -31.84 -3.60
C LYS A 169 -11.17 -30.49 -3.94
N GLU A 170 -10.36 -29.63 -4.56
CA GLU A 170 -10.85 -28.31 -4.96
C GLU A 170 -11.84 -28.43 -6.12
N LEU A 171 -12.95 -27.70 -6.01
CA LEU A 171 -13.96 -27.72 -7.06
C LEU A 171 -13.41 -27.28 -8.41
N ALA A 172 -12.47 -26.33 -8.42
CA ALA A 172 -11.88 -25.89 -9.68
C ALA A 172 -11.06 -27.00 -10.34
N SER A 173 -10.26 -27.71 -9.54
CA SER A 173 -9.51 -28.86 -10.06
C SER A 173 -10.47 -29.91 -10.65
N ALA A 174 -11.56 -30.19 -9.94
CA ALA A 174 -12.50 -31.21 -10.39
C ALA A 174 -13.12 -30.82 -11.73
N LEU A 175 -13.63 -29.58 -11.81
CA LEU A 175 -14.27 -29.14 -13.05
C LEU A 175 -13.25 -29.03 -14.18
N LYS A 176 -11.99 -28.77 -13.86
CA LYS A 176 -10.93 -28.75 -14.87
C LYS A 176 -10.82 -30.11 -15.57
N SER A 177 -10.79 -31.19 -14.80
CA SER A 177 -10.66 -32.54 -15.32
C SER A 177 -11.96 -33.09 -15.91
N ALA A 178 -13.07 -32.40 -15.74
CA ALA A 178 -14.36 -32.85 -16.25
C ALA A 178 -14.84 -32.12 -17.49
N LEU A 179 -14.37 -30.90 -17.69
CA LEU A 179 -14.83 -30.06 -18.79
C LEU A 179 -13.69 -29.82 -19.77
N SER A 180 -14.02 -29.17 -20.88
CA SER A 180 -13.02 -28.89 -21.91
C SER A 180 -13.46 -27.69 -22.72
N GLY A 181 -12.51 -27.12 -23.46
CA GLY A 181 -12.85 -26.13 -24.48
C GLY A 181 -13.39 -24.84 -23.89
N HIS A 182 -14.33 -24.23 -24.63
CA HIS A 182 -14.84 -22.93 -24.23
C HIS A 182 -15.65 -23.00 -22.94
N LEU A 183 -16.44 -24.08 -22.77
CA LEU A 183 -17.24 -24.22 -21.57
C LEU A 183 -16.37 -24.27 -20.33
N GLU A 184 -15.26 -25.01 -20.39
CA GLU A 184 -14.32 -25.03 -19.27
C GLU A 184 -13.85 -23.61 -18.94
N THR A 185 -13.49 -22.83 -19.95
CA THR A 185 -13.08 -21.45 -19.73
C THR A 185 -14.17 -20.67 -19.01
N VAL A 186 -15.42 -20.83 -19.43
CA VAL A 186 -16.54 -20.11 -18.83
C VAL A 186 -16.70 -20.50 -17.35
N ILE A 187 -16.73 -21.80 -17.07
CA ILE A 187 -17.04 -22.26 -15.73
C ILE A 187 -15.93 -21.90 -14.76
N LEU A 188 -14.67 -22.07 -15.16
CA LEU A 188 -13.57 -21.72 -14.28
C LEU A 188 -13.50 -20.21 -14.05
N GLY A 189 -13.82 -19.43 -15.09
CA GLY A 189 -13.91 -17.99 -14.90
C GLY A 189 -14.95 -17.62 -13.87
N LEU A 190 -16.13 -18.26 -13.93
CA LEU A 190 -17.20 -17.95 -12.99
C LEU A 190 -16.82 -18.29 -11.55
N LEU A 191 -15.94 -19.28 -11.36
CA LEU A 191 -15.58 -19.73 -10.01
C LEU A 191 -14.64 -18.78 -9.32
N LYS A 192 -13.92 -17.94 -10.06
CA LYS A 192 -13.05 -16.94 -9.45
C LYS A 192 -13.87 -15.74 -8.97
N THR A 193 -13.41 -15.13 -7.89
CA THR A 193 -13.97 -13.85 -7.48
C THR A 193 -13.67 -12.80 -8.54
N PRO A 194 -14.42 -11.69 -8.56
CA PRO A 194 -14.14 -10.66 -9.58
C PRO A 194 -12.68 -10.22 -9.62
N ALA A 195 -12.08 -9.93 -8.47
CA ALA A 195 -10.68 -9.54 -8.44
C ALA A 195 -9.77 -10.67 -8.92
N GLN A 196 -10.04 -11.91 -8.47
CA GLN A 196 -9.23 -13.04 -8.91
C GLN A 196 -9.32 -13.23 -10.42
N TYR A 197 -10.52 -13.21 -10.98
CA TYR A 197 -10.70 -13.37 -12.41
C TYR A 197 -9.94 -12.29 -13.19
N ASP A 198 -10.13 -11.03 -12.80
CA ASP A 198 -9.47 -9.93 -13.50
C ASP A 198 -7.96 -10.01 -13.39
N ALA A 199 -7.45 -10.37 -12.21
CA ALA A 199 -6.00 -10.52 -12.05
C ALA A 199 -5.45 -11.60 -12.97
N SER A 200 -6.19 -12.70 -13.14
CA SER A 200 -5.67 -13.78 -13.98
C SER A 200 -5.80 -13.47 -15.47
N GLU A 201 -6.85 -12.75 -15.87
CA GLU A 201 -6.91 -12.28 -17.25
C GLU A 201 -5.78 -11.30 -17.53
N LEU A 202 -5.50 -10.41 -16.58
CA LEU A 202 -4.39 -9.48 -16.74
C LEU A 202 -3.07 -10.22 -16.91
N LYS A 203 -2.81 -11.22 -16.05
CA LYS A 203 -1.58 -11.98 -16.14
C LYS A 203 -1.48 -12.73 -17.47
N ALA A 204 -2.59 -13.32 -17.92
CA ALA A 204 -2.56 -14.05 -19.19
C ALA A 204 -2.31 -13.12 -20.37
N SER A 205 -2.79 -11.87 -20.31
CA SER A 205 -2.51 -10.93 -21.39
C SER A 205 -1.04 -10.51 -21.43
N MET A 206 -0.25 -10.90 -20.43
CA MET A 206 1.17 -10.57 -20.38
C MET A 206 2.09 -11.78 -20.41
N LYS A 207 1.59 -12.97 -20.75
CA LYS A 207 2.44 -14.15 -20.85
C LYS A 207 3.19 -14.14 -22.18
N GLY A 208 4.46 -14.55 -22.12
CA GLY A 208 5.31 -14.54 -23.30
C GLY A 208 5.84 -13.15 -23.61
N LEU A 209 6.57 -13.08 -24.73
CA LEU A 209 7.13 -11.79 -25.15
C LEU A 209 6.03 -10.87 -25.68
N GLY A 210 5.14 -11.39 -26.51
CA GLY A 210 4.05 -10.60 -27.03
C GLY A 210 2.88 -10.53 -26.06
N THR A 211 2.36 -9.32 -25.88
CA THR A 211 1.27 -9.09 -24.96
C THR A 211 -0.03 -8.86 -25.73
N ASP A 212 -1.15 -9.24 -25.10
CA ASP A 212 -2.48 -9.05 -25.64
C ASP A 212 -2.94 -7.65 -25.24
N GLU A 213 -2.58 -6.66 -26.06
CA GLU A 213 -2.88 -5.27 -25.72
C GLU A 213 -4.38 -5.03 -25.59
N ASP A 214 -5.19 -5.72 -26.39
CA ASP A 214 -6.64 -5.50 -26.36
C ASP A 214 -7.23 -5.87 -25.00
N SER A 215 -6.83 -7.03 -24.46
CA SER A 215 -7.36 -7.46 -23.17
C SER A 215 -6.86 -6.57 -22.03
N LEU A 216 -5.57 -6.27 -22.04
CA LEU A 216 -5.02 -5.33 -21.05
C LEU A 216 -5.78 -4.01 -21.10
N ILE A 217 -5.99 -3.47 -22.30
CA ILE A 217 -6.71 -2.20 -22.44
C ILE A 217 -8.14 -2.34 -21.92
N GLU A 218 -8.83 -3.43 -22.28
CA GLU A 218 -10.23 -3.59 -21.88
C GLU A 218 -10.39 -3.56 -20.37
N ILE A 219 -9.53 -4.27 -19.65
CA ILE A 219 -9.70 -4.37 -18.21
C ILE A 219 -9.26 -3.09 -17.52
N ILE A 220 -8.09 -2.55 -17.89
CA ILE A 220 -7.56 -1.38 -17.20
C ILE A 220 -8.41 -0.14 -17.49
N CYS A 221 -9.01 -0.04 -18.68
CA CYS A 221 -9.80 1.15 -18.98
C CYS A 221 -11.19 1.10 -18.35
N SER A 222 -11.74 -0.10 -18.12
CA SER A 222 -13.13 -0.20 -17.68
C SER A 222 -13.31 -0.37 -16.18
N ARG A 223 -12.27 -0.73 -15.43
CA ARG A 223 -12.43 -1.02 -14.01
C ARG A 223 -12.40 0.28 -13.20
N THR A 224 -13.21 0.32 -12.14
CA THR A 224 -13.29 1.49 -11.27
C THR A 224 -12.14 1.50 -10.26
N ASN A 225 -12.04 2.63 -9.53
CA ASN A 225 -11.08 2.75 -8.44
C ASN A 225 -11.17 1.57 -7.47
N GLN A 226 -12.38 1.32 -6.95
CA GLN A 226 -12.57 0.23 -6.00
C GLN A 226 -12.14 -1.10 -6.59
N GLU A 227 -12.61 -1.40 -7.81
CA GLU A 227 -12.24 -2.66 -8.45
C GLU A 227 -10.74 -2.76 -8.70
N LEU A 228 -10.11 -1.65 -9.09
CA LEU A 228 -8.67 -1.69 -9.33
C LEU A 228 -7.88 -1.83 -8.04
N GLN A 229 -8.37 -1.26 -6.94
CA GLN A 229 -7.70 -1.42 -5.65
C GLN A 229 -7.60 -2.91 -5.27
N GLU A 230 -8.73 -3.62 -5.36
CA GLU A 230 -8.74 -5.02 -4.97
C GLU A 230 -7.94 -5.88 -5.95
N ILE A 231 -7.96 -5.52 -7.24
CA ILE A 231 -7.20 -6.25 -8.23
C ILE A 231 -5.71 -6.19 -7.91
N ASN A 232 -5.19 -4.99 -7.64
CA ASN A 232 -3.79 -4.83 -7.27
C ASN A 232 -3.44 -5.70 -6.05
N ARG A 233 -4.36 -5.80 -5.09
CA ARG A 233 -4.12 -6.59 -3.90
C ARG A 233 -4.07 -8.08 -4.21
N VAL A 234 -5.08 -8.58 -4.92
CA VAL A 234 -5.14 -10.01 -5.22
C VAL A 234 -4.05 -10.41 -6.21
N TYR A 235 -3.65 -9.49 -7.11
CA TYR A 235 -2.63 -9.82 -8.11
C TYR A 235 -1.29 -10.13 -7.45
N LYS A 236 -0.87 -9.32 -6.49
CA LYS A 236 0.38 -9.62 -5.79
C LYS A 236 0.24 -10.88 -4.95
N GLU A 237 -0.94 -11.08 -4.36
CA GLU A 237 -1.22 -12.30 -3.62
C GLU A 237 -1.03 -13.54 -4.51
N MET A 238 -1.58 -13.50 -5.73
CA MET A 238 -1.55 -14.68 -6.58
C MET A 238 -0.20 -14.88 -7.26
N TYR A 239 0.42 -13.82 -7.75
CA TYR A 239 1.57 -13.95 -8.64
C TYR A 239 2.86 -13.41 -8.03
N LYS A 240 2.84 -13.03 -6.76
CA LYS A 240 4.05 -12.68 -6.02
C LYS A 240 4.78 -11.49 -6.63
N THR A 241 4.01 -10.57 -7.21
CA THR A 241 4.59 -9.38 -7.85
C THR A 241 3.50 -8.34 -8.01
N ASP A 242 3.91 -7.07 -8.09
CA ASP A 242 2.96 -5.99 -8.30
C ASP A 242 2.50 -5.97 -9.75
N LEU A 243 1.19 -5.75 -9.94
CA LEU A 243 0.66 -5.60 -11.30
C LEU A 243 1.33 -4.44 -12.03
N GLU A 244 1.66 -3.36 -11.32
CA GLU A 244 2.32 -2.24 -11.98
C GLU A 244 3.65 -2.67 -12.58
N LYS A 245 4.49 -3.35 -11.80
CA LYS A 245 5.77 -3.81 -12.30
C LYS A 245 5.59 -4.65 -13.57
N ASP A 246 4.68 -5.61 -13.54
CA ASP A 246 4.42 -6.44 -14.72
C ASP A 246 3.96 -5.59 -15.91
N ILE A 247 3.23 -4.49 -15.66
CA ILE A 247 2.84 -3.61 -16.76
C ILE A 247 4.05 -2.85 -17.30
N ILE A 248 4.90 -2.35 -16.42
CA ILE A 248 6.12 -1.68 -16.86
C ILE A 248 6.94 -2.61 -17.75
N SER A 249 6.96 -3.90 -17.39
CA SER A 249 7.80 -4.86 -18.11
C SER A 249 7.27 -5.11 -19.52
N ASP A 250 5.95 -5.08 -19.71
CA ASP A 250 5.35 -5.53 -20.97
C ASP A 250 4.77 -4.40 -21.80
N THR A 251 5.01 -3.15 -21.44
CA THR A 251 4.57 -2.01 -22.22
C THR A 251 5.69 -0.99 -22.31
N SER A 252 5.56 -0.06 -23.24
CA SER A 252 6.56 0.99 -23.41
C SER A 252 5.89 2.25 -23.94
N GLY A 253 6.68 3.32 -24.03
CA GLY A 253 6.22 4.57 -24.60
C GLY A 253 5.08 5.22 -23.81
N ASP A 254 4.31 6.04 -24.53
CA ASP A 254 3.17 6.70 -23.91
C ASP A 254 2.08 5.70 -23.52
N PHE A 255 1.98 4.59 -24.25
CA PHE A 255 1.02 3.55 -23.88
C PHE A 255 1.30 3.04 -22.47
N ARG A 256 2.58 2.90 -22.11
CA ARG A 256 2.93 2.49 -20.75
C ARG A 256 2.49 3.54 -19.74
N LYS A 257 2.72 4.82 -20.04
CA LYS A 257 2.32 5.88 -19.11
C LYS A 257 0.83 5.84 -18.83
N LEU A 258 0.01 5.62 -19.87
CA LEU A 258 -1.43 5.64 -19.68
C LEU A 258 -1.90 4.40 -18.90
N MET A 259 -1.38 3.23 -19.24
CA MET A 259 -1.77 2.01 -18.53
C MET A 259 -1.32 2.05 -17.06
N VAL A 260 -0.11 2.54 -16.79
CA VAL A 260 0.33 2.61 -15.40
C VAL A 260 -0.55 3.56 -14.60
N ALA A 261 -0.87 4.71 -15.19
CA ALA A 261 -1.69 5.70 -14.50
C ALA A 261 -3.09 5.17 -14.21
N LEU A 262 -3.73 4.56 -15.22
CA LEU A 262 -5.07 4.02 -15.00
C LEU A 262 -5.06 2.89 -13.98
N ALA A 263 -4.07 1.99 -14.07
CA ALA A 263 -4.06 0.81 -13.21
C ALA A 263 -3.89 1.15 -11.74
N LYS A 264 -3.41 2.36 -11.42
CA LYS A 264 -3.28 2.74 -10.02
C LYS A 264 -4.63 2.81 -9.33
N GLY A 265 -5.70 3.05 -10.09
CA GLY A 265 -7.01 3.21 -9.48
C GLY A 265 -7.06 4.35 -8.49
N ARG A 266 -6.40 5.46 -8.82
CA ARG A 266 -6.38 6.65 -7.97
C ARG A 266 -7.10 7.82 -8.63
N ARG A 267 -8.06 7.52 -9.51
CA ARG A 267 -8.88 8.57 -10.10
C ARG A 267 -9.60 9.34 -9.00
N ALA A 268 -9.72 10.65 -9.18
CA ALA A 268 -10.45 11.45 -8.21
C ALA A 268 -11.91 10.98 -8.13
N GLU A 269 -12.44 10.94 -6.91
CA GLU A 269 -13.80 10.48 -6.71
C GLU A 269 -14.79 11.55 -7.19
N ASP A 270 -15.97 11.09 -7.61
CA ASP A 270 -17.03 11.98 -8.05
C ASP A 270 -17.32 13.04 -6.99
N GLY A 271 -17.08 14.30 -7.32
CA GLY A 271 -17.22 15.36 -6.35
C GLY A 271 -18.67 15.66 -5.98
N SER A 272 -18.82 16.47 -4.94
CA SER A 272 -20.13 16.95 -4.52
C SER A 272 -20.64 18.05 -5.45
N VAL A 273 -19.75 18.95 -5.85
CA VAL A 273 -20.12 20.10 -6.68
C VAL A 273 -19.55 19.91 -8.07
N ILE A 274 -20.30 20.38 -9.06
CA ILE A 274 -19.82 20.44 -10.44
C ILE A 274 -18.88 21.63 -10.57
N ASP A 275 -17.68 21.40 -11.10
CA ASP A 275 -16.65 22.43 -11.20
C ASP A 275 -16.65 22.94 -12.65
N TYR A 276 -17.50 23.94 -12.90
CA TYR A 276 -17.70 24.44 -14.27
C TYR A 276 -16.45 25.11 -14.82
N GLU A 277 -15.73 25.86 -13.98
CA GLU A 277 -14.51 26.50 -14.46
C GLU A 277 -13.47 25.48 -14.89
N LEU A 278 -13.33 24.40 -14.11
CA LEU A 278 -12.37 23.37 -14.46
C LEU A 278 -12.83 22.55 -15.66
N ILE A 279 -14.15 22.34 -15.79
CA ILE A 279 -14.69 21.66 -16.96
C ILE A 279 -14.28 22.41 -18.23
N ASP A 280 -14.47 23.72 -18.24
CA ASP A 280 -14.09 24.53 -19.39
C ASP A 280 -12.57 24.57 -19.57
N GLN A 281 -11.83 24.66 -18.47
CA GLN A 281 -10.37 24.74 -18.58
C GLN A 281 -9.77 23.41 -19.04
N ASP A 282 -10.24 22.30 -18.46
CA ASP A 282 -9.83 20.98 -18.95
C ASP A 282 -10.16 20.82 -20.43
N ALA A 283 -11.39 21.18 -20.83
CA ALA A 283 -11.76 21.10 -22.24
C ALA A 283 -10.79 21.90 -23.10
N ARG A 284 -10.53 23.14 -22.69
CA ARG A 284 -9.56 23.98 -23.38
C ARG A 284 -8.19 23.31 -23.45
N ASP A 285 -7.76 22.70 -22.34
CA ASP A 285 -6.44 22.10 -22.32
C ASP A 285 -6.35 20.87 -23.23
N LEU A 286 -7.45 20.12 -23.37
CA LEU A 286 -7.41 18.98 -24.28
C LEU A 286 -7.31 19.43 -25.72
N TYR A 287 -8.00 20.53 -26.05
CA TYR A 287 -7.96 21.09 -27.39
C TYR A 287 -6.56 21.60 -27.73
N ASP A 288 -6.00 22.45 -26.86
CA ASP A 288 -4.66 22.99 -27.10
C ASP A 288 -3.62 21.89 -27.18
N ALA A 289 -3.80 20.82 -26.40
CA ALA A 289 -2.82 19.74 -26.37
C ALA A 289 -2.86 18.85 -27.60
N GLY A 290 -3.84 19.02 -28.49
CA GLY A 290 -3.96 18.13 -29.64
C GLY A 290 -4.35 18.75 -30.97
N VAL A 291 -5.66 18.84 -31.23
CA VAL A 291 -6.17 19.22 -32.55
C VAL A 291 -5.80 20.66 -32.89
N LYS A 292 -5.64 21.52 -31.89
CA LYS A 292 -5.24 22.90 -32.19
C LYS A 292 -3.82 22.98 -32.71
N ARG A 293 -2.93 22.09 -32.27
CA ARG A 293 -1.51 22.20 -32.53
C ARG A 293 -1.02 21.10 -33.45
N LYS A 294 0.16 21.31 -34.01
CA LYS A 294 0.87 20.24 -34.67
C LYS A 294 1.55 19.38 -33.61
N GLY A 295 1.47 18.07 -33.79
CA GLY A 295 1.87 17.14 -32.75
C GLY A 295 0.84 17.13 -31.63
N THR A 296 1.15 16.32 -30.60
CA THR A 296 0.22 16.12 -29.50
C THR A 296 0.96 16.10 -28.18
N ASP A 297 0.43 16.83 -27.20
CA ASP A 297 0.91 16.79 -25.81
C ASP A 297 0.19 15.64 -25.10
N VAL A 298 0.69 14.41 -25.33
CA VAL A 298 0.03 13.22 -24.78
C VAL A 298 0.02 13.21 -23.26
N PRO A 299 1.09 13.58 -22.53
CA PRO A 299 0.99 13.60 -21.06
C PRO A 299 -0.15 14.46 -20.54
N LYS A 300 -0.49 15.55 -21.24
CA LYS A 300 -1.62 16.37 -20.82
C LYS A 300 -2.93 15.61 -20.97
N TRP A 301 -3.09 14.90 -22.09
CA TRP A 301 -4.26 14.02 -22.25
C TRP A 301 -4.29 12.97 -21.15
N ILE A 302 -3.17 12.28 -20.95
CA ILE A 302 -3.09 11.24 -19.93
C ILE A 302 -3.44 11.80 -18.56
N SER A 303 -2.94 13.01 -18.25
CA SER A 303 -3.17 13.60 -16.94
C SER A 303 -4.65 13.88 -16.71
N ILE A 304 -5.29 14.55 -17.66
CA ILE A 304 -6.68 14.95 -17.48
C ILE A 304 -7.60 13.73 -17.47
N MET A 305 -7.37 12.77 -18.36
CA MET A 305 -8.29 11.67 -18.56
C MET A 305 -8.16 10.56 -17.52
N THR A 306 -7.06 10.52 -16.77
CA THR A 306 -6.92 9.52 -15.73
C THR A 306 -7.11 10.08 -14.33
N GLU A 307 -7.18 11.40 -14.19
CA GLU A 307 -7.21 12.01 -12.86
C GLU A 307 -8.55 12.61 -12.49
N ARG A 308 -9.31 13.13 -13.46
CA ARG A 308 -10.61 13.70 -13.15
C ARG A 308 -11.64 12.59 -12.98
N SER A 309 -12.65 12.88 -12.17
CA SER A 309 -13.74 11.95 -11.97
C SER A 309 -14.48 11.71 -13.29
N VAL A 310 -15.16 10.57 -13.36
CA VAL A 310 -15.93 10.23 -14.57
C VAL A 310 -16.99 11.28 -14.88
N PRO A 311 -17.86 11.69 -13.93
CA PRO A 311 -18.88 12.69 -14.30
C PRO A 311 -18.29 14.02 -14.74
N HIS A 312 -17.13 14.39 -14.19
CA HIS A 312 -16.45 15.60 -14.65
C HIS A 312 -16.02 15.45 -16.10
N LEU A 313 -15.32 14.35 -16.42
CA LEU A 313 -14.83 14.15 -17.77
C LEU A 313 -15.97 14.02 -18.78
N GLN A 314 -17.13 13.51 -18.38
CA GLN A 314 -18.28 13.51 -19.29
C GLN A 314 -18.64 14.93 -19.68
N LYS A 315 -18.60 15.86 -18.73
CA LYS A 315 -18.94 17.24 -19.05
C LYS A 315 -17.81 17.95 -19.81
N VAL A 316 -16.54 17.61 -19.55
CA VAL A 316 -15.51 18.26 -20.35
C VAL A 316 -15.55 17.77 -21.79
N PHE A 317 -15.92 16.51 -22.02
CA PHE A 317 -16.00 16.04 -23.40
C PHE A 317 -17.11 16.77 -24.17
N ASP A 318 -18.20 17.14 -23.49
N ASP A 318 -18.21 17.13 -23.50
CA ASP A 318 -19.26 17.90 -24.14
CA ASP A 318 -19.25 17.92 -24.16
C ASP A 318 -18.83 19.36 -24.36
C ASP A 318 -18.79 19.35 -24.39
N ARG A 319 -18.12 19.94 -23.39
CA ARG A 319 -17.61 21.29 -23.55
C ARG A 319 -16.48 21.33 -24.57
N TYR A 320 -15.70 20.25 -24.64
CA TYR A 320 -14.65 20.10 -25.65
C TYR A 320 -15.20 20.27 -27.06
N LYS A 321 -16.46 19.87 -27.28
CA LYS A 321 -17.07 20.06 -28.60
C LYS A 321 -17.27 21.54 -28.92
N SER A 322 -17.27 22.41 -27.92
CA SER A 322 -17.37 23.83 -28.20
C SER A 322 -16.07 24.38 -28.79
N TYR A 323 -14.94 23.77 -28.47
CA TYR A 323 -13.64 24.26 -28.91
C TYR A 323 -13.13 23.57 -30.17
N SER A 324 -13.39 22.28 -30.32
CA SER A 324 -12.84 21.50 -31.41
C SER A 324 -13.94 21.14 -32.41
N PRO A 325 -13.64 21.13 -33.71
CA PRO A 325 -14.63 20.63 -34.69
C PRO A 325 -14.81 19.13 -34.64
N TYR A 326 -13.92 18.40 -33.99
CA TYR A 326 -14.06 16.96 -33.79
C TYR A 326 -14.35 16.69 -32.33
N ASP A 327 -15.16 15.66 -32.07
CA ASP A 327 -15.38 15.28 -30.68
C ASP A 327 -14.16 14.51 -30.17
N MET A 328 -14.23 14.06 -28.92
CA MET A 328 -13.06 13.46 -28.30
C MET A 328 -12.62 12.20 -29.04
N LEU A 329 -13.59 11.34 -29.42
CA LEU A 329 -13.26 10.12 -30.15
C LEU A 329 -12.59 10.44 -31.49
N GLU A 330 -13.20 11.32 -32.28
CA GLU A 330 -12.61 11.72 -33.55
C GLU A 330 -11.23 12.34 -33.36
N SER A 331 -11.08 13.21 -32.35
CA SER A 331 -9.78 13.83 -32.10
C SER A 331 -8.71 12.80 -31.77
N ILE A 332 -9.07 11.73 -31.06
CA ILE A 332 -8.10 10.68 -30.74
C ILE A 332 -7.60 10.02 -32.01
N ARG A 333 -8.51 9.68 -32.93
CA ARG A 333 -8.08 9.05 -34.19
C ARG A 333 -7.24 10.00 -35.03
N LYS A 334 -7.51 11.30 -34.97
CA LYS A 334 -6.74 12.23 -35.79
C LYS A 334 -5.34 12.46 -35.20
N GLU A 335 -5.22 12.39 -33.87
CA GLU A 335 -4.01 12.83 -33.19
C GLU A 335 -2.98 11.73 -32.98
N VAL A 336 -3.41 10.47 -32.83
CA VAL A 336 -2.56 9.45 -32.24
C VAL A 336 -2.87 8.10 -32.88
N LYS A 337 -1.99 7.13 -32.67
CA LYS A 337 -2.07 5.84 -33.37
C LYS A 337 -1.62 4.72 -32.44
N GLY A 338 -1.81 3.48 -32.92
CA GLY A 338 -1.30 2.31 -32.25
C GLY A 338 -2.05 1.93 -30.98
N ASP A 339 -1.33 1.22 -30.10
CA ASP A 339 -1.88 0.85 -28.80
C ASP A 339 -2.33 2.07 -28.02
N LEU A 340 -1.64 3.19 -28.20
CA LEU A 340 -2.03 4.43 -27.53
C LEU A 340 -3.40 4.90 -28.02
N GLU A 341 -3.61 4.93 -29.34
CA GLU A 341 -4.90 5.34 -29.87
C GLU A 341 -6.00 4.41 -29.38
N ASN A 342 -5.76 3.10 -29.49
CA ASN A 342 -6.74 2.13 -29.00
C ASN A 342 -7.05 2.38 -27.53
N ALA A 343 -6.02 2.61 -26.73
CA ALA A 343 -6.24 2.80 -25.30
C ALA A 343 -7.10 4.03 -25.02
N PHE A 344 -6.81 5.15 -25.70
CA PHE A 344 -7.60 6.36 -25.50
C PHE A 344 -9.04 6.15 -25.94
N LEU A 345 -9.26 5.48 -27.07
CA LEU A 345 -10.61 5.21 -27.54
C LEU A 345 -11.40 4.35 -26.56
N ASN A 346 -10.77 3.29 -26.04
CA ASN A 346 -11.47 2.45 -25.07
C ASN A 346 -11.76 3.22 -23.79
N LEU A 347 -10.84 4.10 -23.40
CA LEU A 347 -11.00 4.83 -22.16
C LEU A 347 -12.18 5.80 -22.24
N VAL A 348 -12.22 6.66 -23.27
CA VAL A 348 -13.27 7.69 -23.24
C VAL A 348 -14.64 7.08 -23.58
N GLN A 349 -14.67 5.96 -24.30
CA GLN A 349 -15.91 5.20 -24.40
C GLN A 349 -16.40 4.75 -23.02
N CYS A 350 -15.46 4.26 -22.19
CA CYS A 350 -15.83 3.84 -20.84
C CYS A 350 -16.30 5.00 -19.99
N ILE A 351 -15.72 6.19 -20.19
CA ILE A 351 -16.18 7.39 -19.49
C ILE A 351 -17.56 7.80 -19.99
N GLN A 352 -17.78 7.77 -21.31
CA GLN A 352 -19.01 8.29 -21.90
C GLN A 352 -20.20 7.37 -21.66
N ASN A 353 -20.06 6.08 -21.96
CA ASN A 353 -21.17 5.14 -21.79
C ASN A 353 -20.56 3.74 -21.74
N LYS A 354 -20.31 3.26 -20.51
CA LYS A 354 -19.64 1.99 -20.32
C LYS A 354 -20.49 0.80 -20.77
N PRO A 355 -21.80 0.75 -20.47
CA PRO A 355 -22.61 -0.35 -21.02
C PRO A 355 -22.58 -0.41 -22.53
N LEU A 356 -22.53 0.74 -23.21
CA LEU A 356 -22.47 0.74 -24.65
C LEU A 356 -21.09 0.30 -25.13
N TYR A 357 -20.04 0.69 -24.40
CA TYR A 357 -18.70 0.17 -24.69
C TYR A 357 -18.69 -1.36 -24.72
N PHE A 358 -19.21 -2.00 -23.67
CA PHE A 358 -19.23 -3.46 -23.65
C PHE A 358 -20.15 -4.00 -24.73
N ALA A 359 -21.25 -3.31 -25.01
CA ALA A 359 -22.14 -3.76 -26.08
C ALA A 359 -21.41 -3.79 -27.42
N ASP A 360 -20.68 -2.72 -27.76
CA ASP A 360 -19.93 -2.70 -29.01
C ASP A 360 -18.82 -3.75 -29.03
N ARG A 361 -18.18 -3.97 -27.88
CA ARG A 361 -17.14 -5.00 -27.80
C ARG A 361 -17.76 -6.38 -28.01
N LEU A 362 -18.95 -6.61 -27.46
CA LEU A 362 -19.64 -7.88 -27.68
C LEU A 362 -20.03 -8.03 -29.15
N TYR A 363 -20.57 -6.98 -29.76
CA TYR A 363 -20.90 -7.04 -31.17
C TYR A 363 -19.66 -7.36 -32.02
N ASP A 364 -18.57 -6.64 -31.77
CA ASP A 364 -17.33 -6.87 -32.53
C ASP A 364 -16.80 -8.29 -32.37
N SER A 365 -17.05 -8.93 -31.22
CA SER A 365 -16.54 -10.27 -31.01
C SER A 365 -17.32 -11.30 -31.81
N MET A 366 -18.53 -10.97 -32.26
CA MET A 366 -19.38 -11.92 -32.97
C MET A 366 -19.75 -11.48 -34.38
N LYS A 367 -19.42 -10.26 -34.78
CA LYS A 367 -20.03 -9.71 -35.98
C LYS A 367 -19.56 -10.41 -37.24
N GLY A 368 -18.31 -10.89 -37.25
CA GLY A 368 -17.74 -11.43 -38.48
C GLY A 368 -17.62 -12.93 -38.48
N LYS A 369 -16.63 -13.46 -39.21
CA LYS A 369 -16.40 -14.89 -39.26
C LYS A 369 -15.89 -15.40 -37.91
N GLY A 370 -16.53 -16.44 -37.39
CA GLY A 370 -16.12 -16.97 -36.09
C GLY A 370 -16.48 -16.05 -34.93
N THR A 371 -15.77 -16.27 -33.81
CA THR A 371 -16.02 -15.55 -32.57
C THR A 371 -14.69 -15.23 -31.91
N ARG A 372 -14.59 -14.03 -31.33
CA ARG A 372 -13.50 -13.76 -30.40
C ARG A 372 -13.98 -14.18 -29.02
N ASP A 373 -13.88 -15.50 -28.76
CA ASP A 373 -14.47 -16.10 -27.57
C ASP A 373 -13.85 -15.57 -26.29
N LYS A 374 -12.54 -15.31 -26.28
CA LYS A 374 -11.91 -14.76 -25.08
C LYS A 374 -12.56 -13.45 -24.68
N VAL A 375 -12.95 -12.63 -25.65
CA VAL A 375 -13.61 -11.36 -25.34
C VAL A 375 -15.04 -11.59 -24.87
N LEU A 376 -15.81 -12.35 -25.66
CA LEU A 376 -17.19 -12.66 -25.31
C LEU A 376 -17.28 -13.28 -23.92
N ILE A 377 -16.46 -14.29 -23.65
CA ILE A 377 -16.54 -15.01 -22.38
C ILE A 377 -16.21 -14.07 -21.22
N ARG A 378 -15.14 -13.28 -21.36
CA ARG A 378 -14.72 -12.42 -20.27
C ARG A 378 -15.76 -11.36 -19.95
N ILE A 379 -16.41 -10.81 -20.97
CA ILE A 379 -17.43 -9.78 -20.71
C ILE A 379 -18.66 -10.42 -20.06
N MET A 380 -19.11 -11.57 -20.58
CA MET A 380 -20.27 -12.24 -20.01
C MET A 380 -20.01 -12.63 -18.55
N VAL A 381 -18.79 -13.04 -18.23
CA VAL A 381 -18.48 -13.44 -16.86
C VAL A 381 -18.32 -12.22 -15.97
N SER A 382 -17.54 -11.23 -16.40
CA SER A 382 -17.18 -10.13 -15.51
C SER A 382 -18.30 -9.12 -15.31
N ARG A 383 -19.24 -8.99 -16.24
CA ARG A 383 -20.29 -7.99 -16.15
C ARG A 383 -21.66 -8.56 -15.79
N SER A 384 -21.78 -9.88 -15.67
CA SER A 384 -23.07 -10.52 -15.39
C SER A 384 -23.68 -10.08 -14.06
N GLU A 385 -22.86 -9.62 -13.12
CA GLU A 385 -23.36 -9.14 -11.84
C GLU A 385 -23.15 -7.64 -11.66
N VAL A 386 -22.82 -6.94 -12.75
CA VAL A 386 -22.57 -5.50 -12.72
C VAL A 386 -23.63 -4.78 -13.54
N ASP A 387 -23.49 -4.77 -14.87
CA ASP A 387 -24.36 -3.95 -15.69
C ASP A 387 -24.91 -4.67 -16.92
N MET A 388 -25.03 -6.00 -16.86
CA MET A 388 -25.46 -6.77 -18.04
C MET A 388 -26.82 -6.31 -18.56
N LEU A 389 -27.73 -5.92 -17.66
CA LEU A 389 -29.04 -5.44 -18.10
C LEU A 389 -28.93 -4.15 -18.91
N LYS A 390 -28.03 -3.24 -18.51
CA LYS A 390 -27.82 -2.04 -19.30
C LYS A 390 -27.14 -2.37 -20.63
N ILE A 391 -26.13 -3.25 -20.60
CA ILE A 391 -25.47 -3.67 -21.83
C ILE A 391 -26.50 -4.21 -22.81
N ARG A 392 -27.42 -5.05 -22.32
CA ARG A 392 -28.43 -5.61 -23.21
C ARG A 392 -29.35 -4.54 -23.77
N SER A 393 -29.68 -3.54 -22.94
CA SER A 393 -30.51 -2.44 -23.42
C SER A 393 -29.82 -1.66 -24.52
N GLU A 394 -28.52 -1.35 -24.32
CA GLU A 394 -27.77 -0.61 -25.33
C GLU A 394 -27.58 -1.46 -26.58
N PHE A 395 -27.29 -2.75 -26.41
CA PHE A 395 -27.14 -3.64 -27.55
C PHE A 395 -28.41 -3.65 -28.40
N LYS A 396 -29.56 -3.85 -27.76
CA LYS A 396 -30.82 -3.93 -28.50
C LYS A 396 -31.15 -2.60 -29.17
N ARG A 397 -30.98 -1.48 -28.47
CA ARG A 397 -31.26 -0.18 -29.06
C ARG A 397 -30.39 0.06 -30.30
N LYS A 398 -29.09 -0.21 -30.19
CA LYS A 398 -28.15 0.10 -31.28
C LYS A 398 -28.28 -0.89 -32.43
N TYR A 399 -28.26 -2.19 -32.13
CA TYR A 399 -28.16 -3.20 -33.18
C TYR A 399 -29.51 -3.80 -33.60
N GLY A 400 -30.60 -3.49 -32.90
CA GLY A 400 -31.93 -3.88 -33.36
C GLY A 400 -32.34 -5.29 -33.02
N LYS A 401 -31.41 -6.18 -32.69
CA LYS A 401 -31.71 -7.50 -32.16
C LYS A 401 -31.03 -7.63 -30.80
N SER A 402 -31.44 -8.65 -30.05
CA SER A 402 -30.95 -8.82 -28.68
C SER A 402 -29.54 -9.39 -28.67
N LEU A 403 -28.81 -9.09 -27.59
CA LEU A 403 -27.56 -9.78 -27.31
C LEU A 403 -27.74 -11.29 -27.33
N TYR A 404 -28.81 -11.77 -26.71
CA TYR A 404 -29.16 -13.19 -26.71
C TYR A 404 -29.17 -13.76 -28.13
N TYR A 405 -29.86 -13.08 -29.05
CA TYR A 405 -29.93 -13.52 -30.45
C TYR A 405 -28.54 -13.69 -31.06
N TYR A 406 -27.65 -12.73 -30.85
CA TYR A 406 -26.32 -12.84 -31.43
C TYR A 406 -25.53 -14.00 -30.79
N ILE A 407 -25.60 -14.13 -29.46
CA ILE A 407 -24.92 -15.24 -28.79
C ILE A 407 -25.46 -16.57 -29.31
N GLN A 408 -26.78 -16.67 -29.46
CA GLN A 408 -27.39 -17.90 -29.94
C GLN A 408 -26.87 -18.26 -31.33
N GLN A 409 -26.70 -17.26 -32.20
CA GLN A 409 -26.23 -17.53 -33.56
C GLN A 409 -24.76 -17.96 -33.57
N ASP A 410 -23.95 -17.37 -32.68
CA ASP A 410 -22.50 -17.48 -32.79
C ASP A 410 -21.92 -18.65 -32.03
N THR A 411 -22.60 -19.15 -31.00
CA THR A 411 -22.10 -20.22 -30.17
C THR A 411 -23.11 -21.36 -30.16
N LYS A 412 -22.62 -22.56 -29.89
CA LYS A 412 -23.46 -23.75 -29.83
C LYS A 412 -23.09 -24.58 -28.61
N GLY A 413 -23.95 -25.55 -28.31
CA GLY A 413 -23.67 -26.52 -27.27
C GLY A 413 -23.90 -25.99 -25.86
N ASP A 414 -23.33 -26.71 -24.90
CA ASP A 414 -23.43 -26.29 -23.50
C ASP A 414 -22.72 -24.96 -23.28
N TYR A 415 -21.66 -24.70 -24.06
CA TYR A 415 -21.02 -23.39 -24.09
C TYR A 415 -22.04 -22.28 -24.34
N GLN A 416 -22.88 -22.46 -25.38
CA GLN A 416 -23.90 -21.47 -25.69
C GLN A 416 -24.89 -21.30 -24.55
N LYS A 417 -25.38 -22.42 -23.99
CA LYS A 417 -26.35 -22.35 -22.91
C LYS A 417 -25.79 -21.61 -21.70
N ALA A 418 -24.50 -21.83 -21.39
CA ALA A 418 -23.89 -21.12 -20.27
C ALA A 418 -23.87 -19.62 -20.55
N LEU A 419 -23.53 -19.23 -21.78
CA LEU A 419 -23.54 -17.80 -22.12
C LEU A 419 -24.95 -17.22 -22.12
N LEU A 420 -25.93 -17.99 -22.61
CA LEU A 420 -27.31 -17.49 -22.61
C LEU A 420 -27.82 -17.28 -21.19
N TYR A 421 -27.45 -18.16 -20.26
CA TYR A 421 -27.83 -17.97 -18.86
C TYR A 421 -27.20 -16.70 -18.31
N LEU A 422 -25.90 -16.50 -18.57
CA LEU A 422 -25.23 -15.28 -18.15
C LEU A 422 -25.87 -14.06 -18.80
N CYS A 423 -26.37 -14.20 -20.03
CA CYS A 423 -27.07 -13.08 -20.65
C CYS A 423 -28.36 -12.77 -19.92
N GLY A 424 -29.11 -13.80 -19.52
CA GLY A 424 -30.24 -13.62 -18.65
C GLY A 424 -31.59 -13.50 -19.32
N GLY A 425 -31.68 -13.73 -20.62
CA GLY A 425 -32.93 -13.65 -21.34
C GLY A 425 -32.84 -12.74 -22.55
N ASP A 426 -33.91 -12.76 -23.33
CA ASP A 426 -33.97 -12.05 -24.60
C ASP A 426 -34.51 -10.63 -24.40
N ASP A 427 -34.43 -9.84 -25.45
CA ASP A 427 -34.92 -8.46 -25.43
C ASP A 427 -35.75 -8.19 -26.69
N PHE B 7 40.20 -0.77 5.22
CA PHE B 7 40.74 -1.32 6.46
C PHE B 7 41.24 -2.74 6.20
N PHE B 8 41.02 -3.21 4.98
CA PHE B 8 41.33 -4.58 4.59
C PHE B 8 42.81 -4.90 4.83
N THR B 9 43.06 -6.17 5.18
CA THR B 9 44.41 -6.69 5.33
C THR B 9 44.40 -8.16 4.95
N ARG B 10 45.59 -8.76 4.90
CA ARG B 10 45.73 -10.19 4.70
C ARG B 10 46.49 -10.87 5.83
N ASN B 11 47.02 -10.10 6.79
CA ASN B 11 47.76 -10.67 7.91
C ASN B 11 46.90 -10.66 9.15
N PRO B 12 46.69 -11.80 9.81
CA PRO B 12 45.81 -11.81 10.99
C PRO B 12 46.38 -11.08 12.19
N SER B 13 47.71 -10.90 12.24
CA SER B 13 48.30 -10.13 13.33
C SER B 13 47.88 -8.66 13.28
N GLU B 14 47.56 -8.14 12.10
CA GLU B 14 47.08 -6.78 11.95
C GLU B 14 45.56 -6.73 12.11
N LEU B 15 45.10 -7.30 13.23
CA LEU B 15 43.69 -7.25 13.62
C LEU B 15 43.62 -7.10 15.12
N LYS B 16 42.59 -6.38 15.59
CA LYS B 16 42.44 -6.08 17.02
C LYS B 16 41.02 -6.25 17.53
N GLY B 17 40.13 -6.86 16.74
CA GLY B 17 38.81 -7.21 17.22
C GLY B 17 38.87 -8.36 18.21
N LYS B 18 37.76 -9.02 18.46
CA LYS B 18 37.81 -10.24 19.26
C LYS B 18 37.87 -11.47 18.37
N PHE B 19 38.47 -12.53 18.89
CA PHE B 19 38.72 -13.73 18.11
C PHE B 19 37.96 -14.88 18.77
N ILE B 20 36.89 -15.35 18.12
CA ILE B 20 36.10 -16.47 18.61
C ILE B 20 36.29 -17.64 17.66
N HIS B 21 36.56 -18.81 18.21
CA HIS B 21 36.62 -20.05 17.45
C HIS B 21 35.31 -20.82 17.61
N THR B 22 34.85 -21.39 16.50
CA THR B 22 33.61 -22.15 16.52
C THR B 22 33.68 -23.30 15.53
N LYS B 23 33.01 -24.40 15.88
CA LYS B 23 32.91 -25.59 15.05
C LYS B 23 31.46 -25.77 14.62
N LEU B 24 31.25 -26.19 13.38
CA LEU B 24 29.90 -26.35 12.83
C LEU B 24 29.82 -27.63 12.00
N ARG B 25 28.81 -28.44 12.27
CA ARG B 25 28.57 -29.63 11.48
C ARG B 25 27.60 -29.30 10.35
N LYS B 26 28.00 -29.59 9.12
CA LYS B 26 27.18 -29.24 7.97
C LYS B 26 25.89 -30.04 7.99
N SER B 27 24.77 -29.35 7.94
CA SER B 27 23.46 -29.98 7.97
C SER B 27 23.00 -30.32 6.55
N SER B 28 21.76 -30.77 6.41
CA SER B 28 21.17 -31.02 5.10
C SER B 28 20.86 -29.73 4.36
N ARG B 29 20.79 -28.60 5.07
CA ARG B 29 20.56 -27.29 4.46
C ARG B 29 21.78 -26.38 4.63
N GLY B 30 22.97 -26.96 4.74
CA GLY B 30 24.20 -26.21 4.88
C GLY B 30 24.52 -25.88 6.32
N PHE B 31 25.45 -24.93 6.49
CA PHE B 31 25.80 -24.42 7.80
C PHE B 31 24.85 -23.35 8.30
N GLY B 32 23.92 -22.89 7.44
CA GLY B 32 22.89 -21.97 7.87
C GLY B 32 23.35 -20.54 8.08
N PHE B 33 24.01 -19.96 7.08
CA PHE B 33 24.40 -18.56 7.16
C PHE B 33 24.70 -18.04 5.76
N THR B 34 24.54 -16.73 5.59
CA THR B 34 24.88 -16.07 4.34
C THR B 34 26.20 -15.32 4.50
N VAL B 35 26.93 -15.23 3.40
CA VAL B 35 28.20 -14.52 3.40
C VAL B 35 28.18 -13.47 2.31
N VAL B 36 28.87 -12.36 2.55
CA VAL B 36 29.00 -11.29 1.58
C VAL B 36 30.38 -10.67 1.73
N GLY B 37 30.85 -10.03 0.67
CA GLY B 37 32.17 -9.46 0.61
C GLY B 37 33.06 -10.21 -0.36
N GLY B 38 34.37 -9.96 -0.24
CA GLY B 38 35.37 -10.55 -1.11
C GLY B 38 35.07 -10.34 -2.58
N ASP B 39 34.53 -9.18 -2.91
CA ASP B 39 34.09 -8.88 -4.28
C ASP B 39 35.08 -8.01 -5.04
N GLU B 40 35.56 -6.92 -4.43
CA GLU B 40 36.54 -6.05 -5.07
C GLU B 40 37.86 -6.13 -4.33
N PRO B 41 38.97 -6.46 -5.04
CA PRO B 41 40.23 -6.91 -4.40
C PRO B 41 40.29 -6.86 -2.88
N ASP B 42 40.76 -5.74 -2.34
CA ASP B 42 40.82 -5.53 -0.90
C ASP B 42 39.43 -5.50 -0.29
N GLU B 43 38.92 -6.66 0.12
CA GLU B 43 37.57 -6.72 0.69
C GLU B 43 37.49 -7.89 1.67
N PHE B 44 37.12 -7.59 2.92
CA PHE B 44 36.96 -8.61 3.95
C PHE B 44 35.80 -9.54 3.62
N LEU B 45 35.67 -10.59 4.43
CA LEU B 45 34.55 -11.51 4.38
C LEU B 45 33.97 -11.65 5.78
N GLN B 46 32.68 -11.35 5.91
CA GLN B 46 32.00 -11.38 7.21
C GLN B 46 30.60 -11.92 7.01
N ILE B 47 29.86 -12.06 8.11
CA ILE B 47 28.53 -12.66 8.09
C ILE B 47 27.49 -11.57 8.21
N LYS B 48 26.53 -11.57 7.29
CA LYS B 48 25.42 -10.62 7.39
C LYS B 48 24.33 -11.17 8.31
N SER B 49 23.81 -12.35 8.02
CA SER B 49 22.75 -12.92 8.84
C SER B 49 22.86 -14.44 8.84
N LEU B 50 22.17 -15.04 9.81
CA LEU B 50 22.18 -16.47 10.03
C LEU B 50 20.82 -17.04 9.65
N VAL B 51 20.56 -18.27 10.08
CA VAL B 51 19.28 -18.94 9.87
C VAL B 51 18.81 -19.46 11.22
N LEU B 52 17.55 -19.17 11.57
CA LEU B 52 17.01 -19.53 12.88
C LEU B 52 17.22 -21.01 13.18
N ASP B 53 16.79 -21.87 12.27
CA ASP B 53 16.98 -23.30 12.48
C ASP B 53 18.45 -23.70 12.34
N GLY B 54 19.21 -22.97 11.53
CA GLY B 54 20.52 -23.39 11.07
C GLY B 54 21.54 -23.72 12.14
N PRO B 55 22.56 -24.51 11.76
CA PRO B 55 23.61 -24.88 12.73
C PRO B 55 24.39 -23.70 13.27
N ALA B 56 24.65 -22.69 12.44
CA ALA B 56 25.45 -21.55 12.90
C ALA B 56 24.74 -20.77 14.00
N ALA B 57 23.44 -20.52 13.84
CA ALA B 57 22.68 -19.84 14.89
C ALA B 57 22.56 -20.71 16.13
N LEU B 58 22.38 -22.02 15.95
CA LEU B 58 22.21 -22.93 17.08
C LEU B 58 23.49 -23.08 17.89
N ASP B 59 24.65 -22.81 17.31
CA ASP B 59 25.89 -22.83 18.07
C ASP B 59 26.07 -21.54 18.87
N GLY B 60 25.43 -20.47 18.46
CA GLY B 60 25.48 -19.21 19.21
C GLY B 60 26.71 -18.36 19.02
N LYS B 61 27.90 -18.97 19.12
CA LYS B 61 29.15 -18.21 19.09
C LYS B 61 29.25 -17.30 17.86
N MET B 62 28.69 -17.73 16.73
CA MET B 62 28.71 -16.91 15.54
C MET B 62 27.74 -15.74 15.71
N GLU B 63 28.28 -14.53 15.90
CA GLU B 63 27.48 -13.32 15.85
C GLU B 63 27.61 -12.69 14.46
N THR B 64 26.59 -11.94 14.08
CA THR B 64 26.62 -11.31 12.77
C THR B 64 27.57 -10.11 12.79
N GLY B 65 28.22 -9.87 11.65
CA GLY B 65 29.26 -8.87 11.57
C GLY B 65 30.65 -9.38 11.84
N ASP B 66 30.79 -10.57 12.43
CA ASP B 66 32.10 -11.15 12.67
C ASP B 66 32.83 -11.39 11.35
N VAL B 67 34.16 -11.23 11.38
CA VAL B 67 35.03 -11.39 10.21
C VAL B 67 35.56 -12.81 10.14
N ILE B 68 35.62 -13.37 8.93
CA ILE B 68 36.12 -14.72 8.71
C ILE B 68 37.63 -14.64 8.46
N VAL B 69 38.40 -15.06 9.46
CA VAL B 69 39.86 -15.06 9.32
C VAL B 69 40.33 -16.34 8.63
N SER B 70 40.01 -17.49 9.21
CA SER B 70 40.44 -18.75 8.66
C SER B 70 39.28 -19.74 8.66
N VAL B 71 39.39 -20.72 7.78
CA VAL B 71 38.45 -21.82 7.67
C VAL B 71 39.28 -23.10 7.70
N ASN B 72 39.17 -23.84 8.80
CA ASN B 72 39.80 -25.15 8.92
C ASN B 72 41.28 -25.11 8.58
N ASP B 73 42.01 -24.28 9.31
CA ASP B 73 43.46 -24.10 9.15
C ASP B 73 43.84 -23.32 7.90
N THR B 74 42.90 -22.90 7.07
CA THR B 74 43.25 -22.15 5.87
C THR B 74 42.85 -20.69 6.09
N CYS B 75 43.85 -19.82 6.23
CA CYS B 75 43.58 -18.38 6.30
C CYS B 75 42.95 -17.94 4.99
N VAL B 76 41.80 -17.28 5.09
CA VAL B 76 41.09 -16.77 3.92
C VAL B 76 41.04 -15.25 3.89
N LEU B 77 41.86 -14.58 4.70
CA LEU B 77 41.98 -13.13 4.61
C LEU B 77 42.44 -12.75 3.22
N GLY B 78 41.55 -12.12 2.44
CA GLY B 78 41.88 -11.78 1.08
C GLY B 78 41.61 -12.85 0.06
N HIS B 79 40.80 -13.85 0.40
CA HIS B 79 40.35 -14.84 -0.55
C HIS B 79 39.11 -14.33 -1.28
N THR B 80 38.86 -14.89 -2.46
CA THR B 80 37.74 -14.44 -3.28
C THR B 80 36.43 -15.08 -2.83
N HIS B 81 35.34 -14.36 -3.09
CA HIS B 81 34.00 -14.81 -2.70
C HIS B 81 33.72 -16.22 -3.18
N ALA B 82 34.02 -16.51 -4.45
CA ALA B 82 33.74 -17.84 -4.99
C ALA B 82 34.71 -18.89 -4.46
N GLN B 83 35.87 -18.49 -3.94
CA GLN B 83 36.84 -19.46 -3.44
C GLN B 83 36.40 -20.01 -2.08
N VAL B 84 36.02 -19.12 -1.16
CA VAL B 84 35.62 -19.59 0.16
C VAL B 84 34.23 -20.23 0.10
N VAL B 85 33.38 -19.77 -0.83
CA VAL B 85 32.09 -20.43 -1.01
C VAL B 85 32.30 -21.87 -1.47
N LYS B 86 33.28 -22.09 -2.35
CA LYS B 86 33.58 -23.47 -2.76
C LYS B 86 34.12 -24.29 -1.60
N ILE B 87 34.82 -23.66 -0.66
CA ILE B 87 35.30 -24.38 0.52
C ILE B 87 34.13 -24.93 1.32
N PHE B 88 33.17 -24.05 1.66
CA PHE B 88 32.02 -24.47 2.45
C PHE B 88 31.14 -25.45 1.70
N GLN B 89 31.03 -25.30 0.38
CA GLN B 89 30.19 -26.20 -0.40
C GLN B 89 30.85 -27.55 -0.67
N SER B 90 32.18 -27.63 -0.56
CA SER B 90 32.86 -28.91 -0.71
C SER B 90 32.65 -29.83 0.48
N ILE B 91 32.27 -29.28 1.64
CA ILE B 91 32.11 -30.07 2.86
C ILE B 91 30.88 -30.97 2.71
N PRO B 92 30.99 -32.27 2.95
CA PRO B 92 29.81 -33.14 2.88
C PRO B 92 28.91 -32.95 4.10
N ILE B 93 27.68 -33.46 3.96
CA ILE B 93 26.75 -33.50 5.08
C ILE B 93 27.36 -34.36 6.19
N GLY B 94 27.23 -33.88 7.43
CA GLY B 94 27.78 -34.56 8.58
C GLY B 94 29.20 -34.19 8.91
N ALA B 95 29.95 -33.65 7.95
CA ALA B 95 31.31 -33.22 8.22
C ALA B 95 31.29 -31.90 8.98
N SER B 96 32.39 -31.64 9.68
CA SER B 96 32.49 -30.52 10.60
C SER B 96 33.57 -29.55 10.13
N VAL B 97 33.33 -28.27 10.33
CA VAL B 97 34.26 -27.23 9.90
C VAL B 97 34.55 -26.31 11.08
N ASP B 98 35.80 -25.88 11.21
CA ASP B 98 36.18 -24.90 12.20
C ASP B 98 36.30 -23.52 11.56
N LEU B 99 35.80 -22.51 12.25
CA LEU B 99 35.83 -21.13 11.79
C LEU B 99 36.53 -20.26 12.83
N GLU B 100 37.49 -19.46 12.38
CA GLU B 100 38.06 -18.42 13.21
C GLU B 100 37.35 -17.12 12.89
N LEU B 101 36.66 -16.57 13.88
CA LEU B 101 35.88 -15.36 13.69
C LEU B 101 36.53 -14.17 14.39
N CYS B 102 36.52 -13.01 13.73
CA CYS B 102 37.04 -11.76 14.26
C CYS B 102 35.87 -10.79 14.48
N ARG B 103 35.42 -10.65 15.73
CA ARG B 103 34.31 -9.76 16.04
C ARG B 103 34.86 -8.46 16.61
N GLY B 104 34.30 -7.33 16.14
CA GLY B 104 34.81 -6.02 16.51
C GLY B 104 34.96 -5.11 15.31
N TYR B 105 34.72 -5.66 14.13
CA TYR B 105 34.70 -4.91 12.87
C TYR B 105 33.30 -5.00 12.29
N PRO B 106 32.45 -4.00 12.46
CA PRO B 106 31.09 -4.07 11.89
C PRO B 106 31.11 -3.75 10.40
N LEU B 107 29.96 -4.03 9.76
CA LEU B 107 29.85 -3.81 8.32
C LEU B 107 28.48 -3.35 7.86
N GLY B 108 27.52 -3.16 8.76
CA GLY B 108 26.26 -2.57 8.39
C GLY B 108 26.10 -1.12 8.77
N SER B 109 27.15 -0.49 9.29
CA SER B 109 27.07 0.84 9.87
C SER B 109 27.18 1.91 8.78
N SER B 110 26.83 3.14 9.15
CA SER B 110 27.03 4.29 8.29
C SER B 110 28.37 4.93 8.60
N ALA B 111 29.02 5.45 7.56
CA ALA B 111 30.32 6.09 7.73
C ALA B 111 30.22 7.49 8.32
N TYR B 112 29.00 7.98 8.55
CA TYR B 112 28.81 9.38 8.96
C TYR B 112 28.11 9.50 10.31
N GLY B 113 27.99 8.40 11.06
CA GLY B 113 27.59 8.50 12.45
C GLY B 113 28.72 9.02 13.31
N SER B 114 28.36 9.66 14.42
CA SER B 114 29.34 10.15 15.38
C SER B 114 29.65 9.13 16.46
N VAL B 115 28.68 8.31 16.83
CA VAL B 115 28.87 7.26 17.81
C VAL B 115 29.11 5.96 17.05
N LYS B 116 30.24 5.32 17.33
CA LYS B 116 30.60 4.06 16.70
C LYS B 116 30.54 2.95 17.74
N ALA B 117 30.46 1.71 17.24
CA ALA B 117 30.44 0.55 18.12
C ALA B 117 31.75 0.46 18.90
N TYR B 118 31.66 0.05 20.15
CA TYR B 118 32.82 -0.06 21.04
C TYR B 118 33.58 -1.33 20.71
N THR B 119 34.89 -1.20 20.45
CA THR B 119 35.66 -2.33 19.94
C THR B 119 35.75 -3.46 20.96
N ASN B 120 36.31 -3.19 22.14
CA ASN B 120 36.51 -4.22 23.16
C ASN B 120 35.25 -4.40 24.01
N PHE B 121 34.15 -4.73 23.33
CA PHE B 121 32.85 -4.69 23.98
C PHE B 121 32.67 -5.85 24.94
N ASP B 122 32.08 -5.55 26.10
CA ASP B 122 31.81 -6.55 27.13
C ASP B 122 30.49 -6.16 27.79
N ALA B 123 29.40 -6.77 27.34
CA ALA B 123 28.09 -6.34 27.81
C ALA B 123 27.91 -6.60 29.29
N GLU B 124 28.46 -7.71 29.79
CA GLU B 124 28.33 -8.06 31.21
C GLU B 124 29.08 -7.07 32.09
N ARG B 125 30.31 -6.73 31.72
CA ARG B 125 31.07 -5.72 32.45
C ARG B 125 30.31 -4.40 32.50
N ASP B 126 29.79 -3.94 31.35
CA ASP B 126 29.08 -2.67 31.32
C ASP B 126 27.82 -2.71 32.17
N ALA B 127 27.03 -3.79 32.06
CA ALA B 127 25.84 -3.93 32.89
C ALA B 127 26.21 -3.87 34.37
N LEU B 128 27.35 -4.44 34.74
CA LEU B 128 27.81 -4.38 36.12
C LEU B 128 28.26 -2.97 36.49
N ASN B 129 29.04 -2.32 35.61
CA ASN B 129 29.49 -0.95 35.87
C ASN B 129 28.32 0.01 36.00
N ILE B 130 27.23 -0.24 35.29
CA ILE B 130 26.08 0.65 35.37
C ILE B 130 25.31 0.45 36.67
N GLU B 131 25.09 -0.81 37.06
CA GLU B 131 24.40 -1.06 38.31
C GLU B 131 25.17 -0.48 39.50
N THR B 132 26.50 -0.56 39.46
CA THR B 132 27.30 0.09 40.49
C THR B 132 27.13 1.60 40.45
N ALA B 133 27.04 2.17 39.25
CA ALA B 133 26.81 3.61 39.11
C ALA B 133 25.40 3.99 39.57
N ILE B 134 24.40 3.19 39.22
CA ILE B 134 23.04 3.43 39.71
C ILE B 134 22.99 3.34 41.23
N LYS B 135 23.57 2.26 41.78
CA LYS B 135 23.45 2.00 43.22
C LYS B 135 24.21 3.01 44.07
N THR B 136 25.22 3.68 43.51
CA THR B 136 26.04 4.61 44.27
C THR B 136 25.18 5.69 44.91
N LYS B 137 25.52 6.04 46.16
CA LYS B 137 24.81 7.11 46.85
C LYS B 137 24.93 8.41 46.05
N GLY B 138 23.79 9.02 45.75
CA GLY B 138 23.75 10.20 44.91
C GLY B 138 23.68 9.93 43.43
N VAL B 139 23.82 8.67 43.01
CA VAL B 139 23.83 8.26 41.60
C VAL B 139 25.07 8.81 40.90
N ASP B 140 25.91 7.92 40.38
CA ASP B 140 27.06 8.30 39.57
C ASP B 140 26.60 8.47 38.12
N GLU B 141 26.09 9.66 37.81
CA GLU B 141 25.55 9.95 36.46
C GLU B 141 26.66 9.93 35.43
N VAL B 142 27.83 10.43 35.78
CA VAL B 142 28.92 10.54 34.80
C VAL B 142 29.28 9.19 34.23
N THR B 143 29.42 8.18 35.10
CA THR B 143 29.74 6.83 34.61
C THR B 143 28.66 6.30 33.68
N ILE B 144 27.39 6.54 34.02
CA ILE B 144 26.28 6.11 33.18
C ILE B 144 26.33 6.81 31.83
N VAL B 145 26.70 8.09 31.81
CA VAL B 145 26.80 8.82 30.56
C VAL B 145 28.04 8.39 29.78
N ASN B 146 29.17 8.21 30.48
CA ASN B 146 30.40 7.79 29.83
C ASN B 146 30.24 6.45 29.12
N ILE B 147 29.39 5.56 29.64
CA ILE B 147 29.24 4.24 29.04
C ILE B 147 28.24 4.28 27.88
N LEU B 148 27.01 4.74 28.14
CA LEU B 148 25.94 4.57 27.17
C LEU B 148 26.13 5.43 25.93
N THR B 149 26.73 6.62 26.06
CA THR B 149 26.95 7.44 24.87
C THR B 149 28.16 6.98 24.06
N ASN B 150 28.96 6.03 24.54
CA ASN B 150 30.05 5.47 23.76
C ASN B 150 29.83 4.01 23.42
N ARG B 151 28.58 3.56 23.38
CA ARG B 151 28.22 2.28 22.81
C ARG B 151 27.26 2.50 21.66
N SER B 152 27.33 1.61 20.66
CA SER B 152 26.35 1.62 19.59
C SER B 152 24.99 1.22 20.16
N ASN B 153 23.92 1.55 19.40
CA ASN B 153 22.59 1.20 19.87
C ASN B 153 22.43 -0.31 20.03
N GLU B 154 22.96 -1.08 19.09
CA GLU B 154 22.96 -2.54 19.23
C GLU B 154 23.67 -2.95 20.50
N GLN B 155 24.82 -2.34 20.79
CA GLN B 155 25.54 -2.66 22.01
C GLN B 155 24.73 -2.28 23.26
N ARG B 156 23.92 -1.23 23.17
CA ARG B 156 23.08 -0.89 24.32
C ARG B 156 21.92 -1.87 24.48
N GLN B 157 21.52 -2.54 23.38
CA GLN B 157 20.51 -3.59 23.50
C GLN B 157 21.05 -4.81 24.24
N ASP B 158 22.33 -5.13 24.03
CA ASP B 158 22.93 -6.25 24.74
C ASP B 158 23.23 -5.88 26.19
N ILE B 159 23.42 -4.60 26.49
CA ILE B 159 23.63 -4.18 27.86
C ILE B 159 22.33 -4.26 28.66
N ALA B 160 21.20 -3.91 28.03
CA ALA B 160 19.93 -4.04 28.72
C ALA B 160 19.57 -5.51 28.96
N PHE B 161 20.00 -6.40 28.06
CA PHE B 161 19.79 -7.82 28.28
C PHE B 161 20.67 -8.32 29.42
N ALA B 162 21.97 -8.00 29.38
CA ALA B 162 22.88 -8.40 30.44
C ALA B 162 22.48 -7.80 31.77
N TYR B 163 21.90 -6.60 31.75
CA TYR B 163 21.47 -5.97 33.00
C TYR B 163 20.25 -6.67 33.58
N GLN B 164 19.25 -6.95 32.74
CA GLN B 164 18.09 -7.72 33.20
C GLN B 164 18.49 -9.15 33.59
N ARG B 165 19.45 -9.74 32.87
CA ARG B 165 19.95 -11.07 33.20
C ARG B 165 20.79 -11.07 34.48
N ARG B 166 21.10 -9.90 35.03
CA ARG B 166 21.94 -9.77 36.22
C ARG B 166 21.23 -9.10 37.38
N THR B 167 20.06 -8.49 37.14
CA THR B 167 19.29 -7.81 38.19
C THR B 167 17.84 -8.27 38.28
N LYS B 168 17.32 -8.93 37.25
CA LYS B 168 15.90 -9.24 37.12
C LYS B 168 15.05 -7.98 37.11
N LYS B 169 15.66 -6.86 36.71
CA LYS B 169 14.99 -5.56 36.67
C LYS B 169 15.44 -4.85 35.40
N GLU B 170 14.48 -4.44 34.59
CA GLU B 170 14.80 -3.85 33.30
C GLU B 170 15.59 -2.55 33.47
N LEU B 171 16.57 -2.35 32.59
CA LEU B 171 17.48 -1.20 32.72
C LEU B 171 16.74 0.13 32.57
N ALA B 172 15.78 0.21 31.65
CA ALA B 172 15.09 1.47 31.42
C ALA B 172 14.26 1.88 32.64
N SER B 173 13.73 0.91 33.38
CA SER B 173 13.02 1.23 34.61
C SER B 173 14.00 1.72 35.68
N ALA B 174 15.16 1.08 35.77
CA ALA B 174 16.15 1.48 36.77
C ALA B 174 16.66 2.89 36.51
N LEU B 175 17.05 3.17 35.27
CA LEU B 175 17.60 4.48 34.94
C LEU B 175 16.53 5.57 34.97
N LYS B 176 15.27 5.22 34.67
CA LYS B 176 14.19 6.19 34.81
C LYS B 176 14.06 6.66 36.25
N SER B 177 14.24 5.76 37.21
CA SER B 177 14.12 6.14 38.61
C SER B 177 15.35 6.88 39.12
N ALA B 178 16.54 6.58 38.59
CA ALA B 178 17.75 7.22 39.10
C ALA B 178 18.03 8.57 38.47
N LEU B 179 17.59 8.80 37.23
CA LEU B 179 17.89 10.03 36.51
C LEU B 179 16.68 10.96 36.51
N SER B 180 16.90 12.20 36.06
CA SER B 180 15.84 13.20 36.08
C SER B 180 16.08 14.24 34.99
N GLY B 181 15.06 15.04 34.73
CA GLY B 181 15.19 16.15 33.82
C GLY B 181 15.58 15.71 32.43
N HIS B 182 16.37 16.55 31.76
CA HIS B 182 16.70 16.28 30.37
C HIS B 182 17.69 15.14 30.23
N LEU B 183 18.56 14.93 31.23
CA LEU B 183 19.48 13.78 31.16
C LEU B 183 18.71 12.47 31.08
N GLU B 184 17.62 12.35 31.85
CA GLU B 184 16.80 11.16 31.77
C GLU B 184 16.23 10.97 30.37
N THR B 185 15.70 12.05 29.79
CA THR B 185 15.12 11.98 28.45
C THR B 185 16.14 11.49 27.42
N VAL B 186 17.39 11.95 27.55
CA VAL B 186 18.42 11.52 26.60
C VAL B 186 18.72 10.04 26.78
N ILE B 187 18.93 9.60 28.03
CA ILE B 187 19.37 8.24 28.28
C ILE B 187 18.29 7.24 27.87
N LEU B 188 17.04 7.49 28.26
CA LEU B 188 15.96 6.58 27.88
C LEU B 188 15.78 6.52 26.38
N GLY B 189 15.96 7.65 25.70
CA GLY B 189 15.88 7.66 24.25
C GLY B 189 16.96 6.79 23.60
N LEU B 190 18.20 6.94 24.08
CA LEU B 190 19.31 6.15 23.54
C LEU B 190 19.10 4.65 23.74
N LEU B 191 18.34 4.26 24.77
CA LEU B 191 18.18 2.85 25.09
C LEU B 191 17.18 2.14 24.19
N LYS B 192 16.30 2.88 23.52
CA LYS B 192 15.38 2.25 22.57
C LYS B 192 16.09 1.99 21.26
N THR B 193 15.63 0.98 20.54
CA THR B 193 16.10 0.80 19.18
C THR B 193 15.60 1.97 18.32
N PRO B 194 16.23 2.23 17.19
CA PRO B 194 15.76 3.33 16.32
C PRO B 194 14.27 3.28 16.02
N ALA B 195 13.74 2.12 15.63
CA ALA B 195 12.31 2.02 15.37
C ALA B 195 11.50 2.25 16.63
N GLN B 196 11.96 1.71 17.77
CA GLN B 196 11.25 1.93 19.02
C GLN B 196 11.25 3.40 19.41
N TYR B 197 12.38 4.08 19.24
CA TYR B 197 12.46 5.49 19.61
C TYR B 197 11.54 6.33 18.74
N ASP B 198 11.60 6.15 17.42
CA ASP B 198 10.72 6.88 16.52
C ASP B 198 9.25 6.56 16.81
N ALA B 199 8.93 5.28 17.03
CA ALA B 199 7.56 4.91 17.30
C ALA B 199 7.05 5.59 18.57
N SER B 200 7.87 5.61 19.63
CA SER B 200 7.44 6.24 20.87
C SER B 200 7.38 7.76 20.75
N GLU B 201 8.27 8.37 19.96
CA GLU B 201 8.16 9.81 19.72
C GLU B 201 6.92 10.13 18.89
N LEU B 202 6.57 9.27 17.93
CA LEU B 202 5.37 9.50 17.14
C LEU B 202 4.12 9.43 18.02
N LYS B 203 3.94 8.34 18.76
CA LYS B 203 2.77 8.19 19.63
C LYS B 203 2.70 9.34 20.64
N ALA B 204 3.84 9.77 21.16
CA ALA B 204 3.85 10.92 22.06
C ALA B 204 3.36 12.19 21.37
N SER B 205 3.63 12.36 20.07
CA SER B 205 3.18 13.55 19.37
C SER B 205 1.68 13.58 19.14
N MET B 206 0.98 12.47 19.37
CA MET B 206 -0.47 12.38 19.19
C MET B 206 -1.18 12.00 20.50
N LYS B 207 -0.68 12.53 21.62
CA LYS B 207 -1.30 12.29 22.92
C LYS B 207 -2.20 13.47 23.26
N GLY B 208 -3.49 13.19 23.43
CA GLY B 208 -4.47 14.24 23.67
C GLY B 208 -5.02 14.82 22.37
N LEU B 209 -6.03 15.68 22.53
CA LEU B 209 -6.70 16.27 21.38
C LEU B 209 -5.71 17.05 20.52
N GLY B 210 -4.95 17.96 21.13
CA GLY B 210 -3.92 18.65 20.39
C GLY B 210 -2.76 17.73 20.07
N THR B 211 -2.17 17.93 18.89
CA THR B 211 -1.04 17.13 18.45
C THR B 211 0.16 18.02 18.16
N ASP B 212 1.34 17.45 18.38
CA ASP B 212 2.61 18.11 18.09
C ASP B 212 2.91 17.85 16.61
N GLU B 213 2.32 18.68 15.75
CA GLU B 213 2.48 18.49 14.31
C GLU B 213 3.94 18.58 13.90
N ASP B 214 4.69 19.52 14.49
CA ASP B 214 6.09 19.68 14.13
C ASP B 214 6.88 18.39 14.36
N SER B 215 6.63 17.71 15.48
CA SER B 215 7.33 16.44 15.73
C SER B 215 6.87 15.35 14.76
N LEU B 216 5.56 15.21 14.58
CA LEU B 216 5.04 14.28 13.59
C LEU B 216 5.66 14.54 12.21
N ILE B 217 5.78 15.81 11.82
CA ILE B 217 6.30 16.16 10.50
C ILE B 217 7.79 15.81 10.40
N GLU B 218 8.57 16.16 11.42
CA GLU B 218 10.02 15.94 11.36
C GLU B 218 10.34 14.47 11.15
N ILE B 219 9.59 13.59 11.82
CA ILE B 219 9.90 12.16 11.76
C ILE B 219 9.45 11.57 10.42
N ILE B 220 8.19 11.82 10.05
CA ILE B 220 7.61 11.23 8.84
C ILE B 220 8.28 11.77 7.58
N CYS B 221 8.73 13.02 7.59
CA CYS B 221 9.32 13.58 6.38
C CYS B 221 10.78 13.17 6.22
N SER B 222 11.47 12.83 7.31
CA SER B 222 12.90 12.58 7.26
C SER B 222 13.28 11.09 7.21
N ARG B 223 12.35 10.16 7.46
CA ARG B 223 12.68 8.73 7.52
C ARG B 223 12.56 8.06 6.14
N THR B 224 13.46 7.12 5.88
CA THR B 224 13.48 6.37 4.61
C THR B 224 12.46 5.23 4.63
N ASN B 225 12.21 4.66 3.45
CA ASN B 225 11.29 3.52 3.33
C ASN B 225 11.67 2.40 4.28
N GLN B 226 12.94 2.02 4.26
CA GLN B 226 13.44 0.98 5.16
C GLN B 226 13.14 1.34 6.61
N GLU B 227 13.38 2.60 6.99
CA GLU B 227 13.14 3.00 8.37
C GLU B 227 11.65 3.00 8.69
N LEU B 228 10.81 3.43 7.74
CA LEU B 228 9.38 3.50 8.01
C LEU B 228 8.72 2.13 8.01
N GLN B 229 9.22 1.20 7.19
CA GLN B 229 8.73 -0.18 7.25
C GLN B 229 8.90 -0.74 8.65
N GLU B 230 10.08 -0.51 9.25
CA GLU B 230 10.34 -1.03 10.58
C GLU B 230 9.57 -0.27 11.65
N ILE B 231 9.33 1.03 11.44
CA ILE B 231 8.53 1.80 12.39
C ILE B 231 7.10 1.30 12.41
N ASN B 232 6.48 1.15 11.23
CA ASN B 232 5.11 0.66 11.15
C ASN B 232 4.96 -0.69 11.83
N ARG B 233 5.94 -1.57 11.65
CA ARG B 233 5.89 -2.88 12.28
C ARG B 233 6.03 -2.76 13.80
N VAL B 234 6.95 -1.91 14.26
CA VAL B 234 7.20 -1.79 15.69
C VAL B 234 6.11 -0.95 16.36
N TYR B 235 5.46 -0.04 15.62
CA TYR B 235 4.39 0.75 16.22
C TYR B 235 3.21 -0.13 16.61
N LYS B 236 2.74 -0.97 15.69
CA LYS B 236 1.67 -1.89 16.02
C LYS B 236 2.09 -2.88 17.09
N GLU B 237 3.36 -3.29 17.09
CA GLU B 237 3.86 -4.21 18.10
C GLU B 237 3.83 -3.59 19.49
N MET B 238 4.06 -2.29 19.60
CA MET B 238 4.14 -1.59 20.88
C MET B 238 2.78 -1.10 21.36
N TYR B 239 2.00 -0.47 20.50
CA TYR B 239 0.75 0.18 20.89
C TYR B 239 -0.48 -0.57 20.39
N LYS B 240 -0.28 -1.74 19.77
CA LYS B 240 -1.39 -2.60 19.37
C LYS B 240 -2.40 -1.86 18.50
N THR B 241 -1.89 -0.99 17.63
CA THR B 241 -2.70 -0.29 16.66
C THR B 241 -1.79 0.14 15.52
N ASP B 242 -2.34 0.18 14.32
CA ASP B 242 -1.54 0.58 13.16
C ASP B 242 -1.20 2.07 13.24
N LEU B 243 0.05 2.39 12.88
CA LEU B 243 0.48 3.79 12.89
C LEU B 243 -0.38 4.64 11.95
N GLU B 244 -0.73 4.09 10.78
CA GLU B 244 -1.60 4.80 9.86
C GLU B 244 -2.91 5.19 10.53
N LYS B 245 -3.53 4.25 11.26
CA LYS B 245 -4.84 4.49 11.85
C LYS B 245 -4.78 5.65 12.86
N ASP B 246 -3.73 5.71 13.66
CA ASP B 246 -3.60 6.82 14.61
C ASP B 246 -3.37 8.14 13.89
N ILE B 247 -2.69 8.12 12.73
CA ILE B 247 -2.50 9.34 11.96
C ILE B 247 -3.81 9.84 11.40
N ILE B 248 -4.60 8.95 10.79
CA ILE B 248 -5.93 9.30 10.30
C ILE B 248 -6.74 10.01 11.38
N SER B 249 -6.57 9.60 12.63
CA SER B 249 -7.40 10.11 13.71
C SER B 249 -7.01 11.54 14.09
N ASP B 250 -5.72 11.80 14.23
CA ASP B 250 -5.25 13.07 14.76
C ASP B 250 -4.97 14.12 13.70
N THR B 251 -4.96 13.75 12.43
CA THR B 251 -4.77 14.70 11.34
C THR B 251 -6.05 14.76 10.49
N SER B 252 -6.09 15.73 9.58
CA SER B 252 -7.25 15.90 8.71
C SER B 252 -6.84 16.64 7.44
N GLY B 253 -7.70 16.53 6.43
CA GLY B 253 -7.50 17.29 5.21
C GLY B 253 -6.31 16.81 4.40
N ASP B 254 -5.80 17.73 3.57
CA ASP B 254 -4.64 17.41 2.74
C ASP B 254 -3.40 17.12 3.58
N PHE B 255 -3.30 17.72 4.77
CA PHE B 255 -2.21 17.35 5.68
C PHE B 255 -2.27 15.87 6.03
N ARG B 256 -3.47 15.35 6.27
CA ARG B 256 -3.65 13.92 6.54
C ARG B 256 -3.18 13.08 5.35
N LYS B 257 -3.61 13.45 4.14
CA LYS B 257 -3.21 12.69 2.96
C LYS B 257 -1.69 12.63 2.82
N LEU B 258 -1.02 13.77 3.05
CA LEU B 258 0.42 13.81 2.90
C LEU B 258 1.12 12.95 3.95
N MET B 259 0.66 13.04 5.21
CA MET B 259 1.26 12.25 6.28
C MET B 259 1.03 10.75 6.05
N VAL B 260 -0.18 10.37 5.66
CA VAL B 260 -0.48 8.97 5.40
C VAL B 260 0.38 8.44 4.24
N ALA B 261 0.49 9.21 3.16
CA ALA B 261 1.26 8.77 2.01
C ALA B 261 2.74 8.60 2.38
N LEU B 262 3.31 9.57 3.08
CA LEU B 262 4.71 9.46 3.47
C LEU B 262 4.94 8.28 4.40
N ALA B 263 4.05 8.10 5.38
CA ALA B 263 4.23 7.06 6.38
C ALA B 263 4.13 5.65 5.79
N LYS B 264 3.59 5.50 4.58
CA LYS B 264 3.54 4.18 3.97
C LYS B 264 4.93 3.66 3.62
N GLY B 265 5.88 4.56 3.38
CA GLY B 265 7.23 4.13 3.04
C GLY B 265 7.29 3.30 1.78
N ARG B 266 6.50 3.67 0.78
CA ARG B 266 6.46 2.98 -0.51
C ARG B 266 7.04 3.83 -1.63
N ARG B 267 7.85 4.83 -1.28
CA ARG B 267 8.52 5.64 -2.28
C ARG B 267 9.35 4.75 -3.21
N ALA B 268 9.36 5.10 -4.50
CA ALA B 268 10.17 4.36 -5.46
C ALA B 268 11.64 4.41 -5.06
N GLU B 269 12.31 3.26 -5.18
CA GLU B 269 13.75 3.21 -4.93
C GLU B 269 14.50 3.95 -6.03
N ASP B 270 15.74 4.31 -5.73
N ASP B 270 15.74 4.31 -5.73
CA ASP B 270 16.57 5.08 -6.67
CA ASP B 270 16.55 5.09 -6.67
C ASP B 270 16.69 4.34 -7.99
C ASP B 270 16.69 4.34 -7.99
N GLY B 271 16.21 4.97 -9.06
CA GLY B 271 16.22 4.32 -10.35
C GLY B 271 17.63 4.08 -10.86
N SER B 272 17.79 2.96 -11.57
CA SER B 272 19.08 2.66 -12.20
C SER B 272 19.46 3.73 -13.20
N VAL B 273 18.52 4.11 -14.05
CA VAL B 273 18.73 5.11 -15.09
C VAL B 273 18.12 6.42 -14.64
N ILE B 274 18.80 7.51 -14.92
CA ILE B 274 18.21 8.84 -14.76
C ILE B 274 17.14 9.02 -15.82
N ASP B 275 15.90 9.24 -15.38
CA ASP B 275 14.77 9.38 -16.30
C ASP B 275 14.54 10.86 -16.57
N TYR B 276 15.25 11.40 -17.56
CA TYR B 276 15.17 12.83 -17.84
C TYR B 276 13.79 13.24 -18.34
N GLU B 277 13.12 12.36 -19.09
CA GLU B 277 11.80 12.72 -19.58
C GLU B 277 10.81 12.88 -18.41
N LEU B 278 10.88 11.96 -17.44
CA LEU B 278 10.03 12.07 -16.27
C LEU B 278 10.46 13.22 -15.37
N ILE B 279 11.76 13.54 -15.35
CA ILE B 279 12.22 14.70 -14.59
C ILE B 279 11.57 15.97 -15.11
N ASP B 280 11.61 16.18 -16.43
CA ASP B 280 10.96 17.34 -16.99
C ASP B 280 9.46 17.28 -16.83
N GLN B 281 8.86 16.11 -17.08
CA GLN B 281 7.41 16.00 -16.95
C GLN B 281 6.96 16.27 -15.52
N ASP B 282 7.69 15.75 -14.52
CA ASP B 282 7.32 16.01 -13.14
C ASP B 282 7.44 17.50 -12.81
N ALA B 283 8.53 18.13 -13.26
CA ALA B 283 8.75 19.54 -12.97
C ALA B 283 7.64 20.40 -13.57
N ARG B 284 7.29 20.15 -14.83
CA ARG B 284 6.18 20.86 -15.45
C ARG B 284 4.87 20.59 -14.69
N ASP B 285 4.64 19.34 -14.32
CA ASP B 285 3.40 19.01 -13.60
C ASP B 285 3.33 19.75 -12.26
N LEU B 286 4.47 19.87 -11.55
CA LEU B 286 4.45 20.63 -10.31
C LEU B 286 4.12 22.09 -10.56
N TYR B 287 4.59 22.64 -11.69
CA TYR B 287 4.30 24.01 -12.05
C TYR B 287 2.83 24.20 -12.41
N ASP B 288 2.32 23.36 -13.32
CA ASP B 288 0.91 23.41 -13.69
C ASP B 288 0.00 23.26 -12.48
N ALA B 289 0.41 22.45 -11.50
CA ALA B 289 -0.43 22.18 -10.35
C ALA B 289 -0.39 23.29 -9.30
N GLY B 290 0.55 24.23 -9.40
CA GLY B 290 0.63 25.26 -8.39
C GLY B 290 0.67 26.69 -8.92
N VAL B 291 1.90 27.18 -9.16
CA VAL B 291 2.15 28.61 -9.34
C VAL B 291 1.62 29.13 -10.68
N LYS B 292 1.61 28.29 -11.72
CA LYS B 292 1.14 28.73 -13.03
C LYS B 292 -0.31 29.21 -12.99
N ARG B 293 -1.12 28.62 -12.12
CA ARG B 293 -2.56 28.86 -12.07
C ARG B 293 -2.95 29.45 -10.71
N LYS B 294 -4.13 30.05 -10.69
CA LYS B 294 -4.79 30.33 -9.43
C LYS B 294 -5.34 29.01 -8.88
N GLY B 295 -5.14 28.78 -7.59
CA GLY B 295 -5.46 27.50 -6.99
C GLY B 295 -4.28 26.53 -7.02
N THR B 296 -4.42 25.44 -6.28
CA THR B 296 -3.36 24.44 -6.16
C THR B 296 -3.96 23.05 -6.29
N ASP B 297 -3.48 22.28 -7.27
CA ASP B 297 -3.80 20.86 -7.39
C ASP B 297 -2.92 20.09 -6.40
N VAL B 298 -3.34 20.07 -5.14
CA VAL B 298 -2.54 19.45 -4.09
C VAL B 298 -2.31 17.96 -4.30
N PRO B 299 -3.31 17.16 -4.71
CA PRO B 299 -3.03 15.73 -4.92
C PRO B 299 -1.92 15.45 -5.93
N LYS B 300 -1.73 16.31 -6.93
CA LYS B 300 -0.59 16.13 -7.82
C LYS B 300 0.72 16.34 -7.10
N TRP B 301 0.80 17.39 -6.27
CA TRP B 301 1.98 17.62 -5.44
C TRP B 301 2.27 16.42 -4.55
N ILE B 302 1.26 15.96 -3.80
CA ILE B 302 1.45 14.84 -2.90
C ILE B 302 1.96 13.63 -3.66
N SER B 303 1.35 13.33 -4.81
CA SER B 303 1.71 12.15 -5.58
C SER B 303 3.16 12.21 -6.05
N ILE B 304 3.59 13.35 -6.59
CA ILE B 304 4.93 13.46 -7.15
C ILE B 304 5.99 13.38 -6.05
N MET B 305 5.76 14.09 -4.95
CA MET B 305 6.78 14.21 -3.92
C MET B 305 6.81 13.00 -2.97
N THR B 306 5.80 12.13 -3.01
CA THR B 306 5.82 10.93 -2.19
C THR B 306 6.23 9.68 -2.97
N GLU B 307 6.03 9.66 -4.28
CA GLU B 307 6.24 8.43 -5.04
C GLU B 307 7.59 8.36 -5.75
N ARG B 308 8.15 9.49 -6.19
CA ARG B 308 9.42 9.46 -6.89
C ARG B 308 10.57 9.29 -5.91
N SER B 309 11.66 8.69 -6.41
CA SER B 309 12.84 8.52 -5.57
C SER B 309 13.43 9.88 -5.21
N VAL B 310 14.21 9.90 -4.13
CA VAL B 310 14.86 11.13 -3.69
C VAL B 310 15.77 11.71 -4.77
N PRO B 311 16.68 10.94 -5.40
CA PRO B 311 17.56 11.58 -6.39
C PRO B 311 16.81 12.07 -7.62
N HIS B 312 15.71 11.43 -7.99
CA HIS B 312 14.89 11.95 -9.07
C HIS B 312 14.26 13.29 -8.70
N LEU B 313 13.71 13.39 -7.48
CA LEU B 313 13.05 14.61 -7.05
C LEU B 313 14.04 15.76 -6.91
N GLN B 314 15.25 15.49 -6.44
CA GLN B 314 16.28 16.53 -6.44
C GLN B 314 16.43 17.14 -7.83
N LYS B 315 16.39 16.29 -8.86
CA LYS B 315 16.54 16.81 -10.22
C LYS B 315 15.28 17.48 -10.73
N VAL B 316 14.08 16.99 -10.35
CA VAL B 316 12.92 17.73 -10.82
C VAL B 316 12.84 19.10 -10.15
N PHE B 317 13.28 19.21 -8.88
CA PHE B 317 13.26 20.52 -8.24
C PHE B 317 14.22 21.49 -8.94
N ASP B 318 15.32 20.98 -9.51
CA ASP B 318 16.21 21.83 -10.28
C ASP B 318 15.58 22.20 -11.62
N ARG B 319 15.08 21.20 -12.37
CA ARG B 319 14.40 21.48 -13.62
C ARG B 319 13.18 22.37 -13.41
N TYR B 320 12.57 22.27 -12.23
CA TYR B 320 11.43 23.10 -11.88
C TYR B 320 11.77 24.59 -11.94
N LYS B 321 13.00 24.95 -11.58
CA LYS B 321 13.41 26.36 -11.65
C LYS B 321 13.41 26.89 -13.08
N SER B 322 13.34 26.02 -14.08
CA SER B 322 13.25 26.47 -15.46
C SER B 322 11.83 26.84 -15.85
N TYR B 323 10.84 26.37 -15.10
CA TYR B 323 9.45 26.69 -15.39
C TYR B 323 8.90 27.78 -14.49
N SER B 324 9.39 27.88 -13.26
CA SER B 324 8.82 28.76 -12.26
C SER B 324 9.84 29.82 -11.85
N PRO B 325 9.40 31.07 -11.63
CA PRO B 325 10.31 32.07 -11.09
C PRO B 325 10.56 31.87 -9.61
N TYR B 326 9.76 31.06 -8.94
CA TYR B 326 9.98 30.67 -7.56
C TYR B 326 10.50 29.25 -7.51
N ASP B 327 11.52 29.01 -6.68
CA ASP B 327 11.98 27.64 -6.50
C ASP B 327 10.92 26.85 -5.73
N MET B 328 11.22 25.58 -5.46
CA MET B 328 10.19 24.72 -4.87
C MET B 328 9.80 25.18 -3.47
N LEU B 329 10.78 25.57 -2.64
CA LEU B 329 10.47 26.07 -1.30
C LEU B 329 9.62 27.33 -1.37
N GLU B 330 10.04 28.29 -2.19
CA GLU B 330 9.27 29.53 -2.35
C GLU B 330 7.88 29.26 -2.93
N SER B 331 7.78 28.31 -3.86
CA SER B 331 6.46 27.96 -4.40
C SER B 331 5.55 27.38 -3.33
N ILE B 332 6.11 26.63 -2.37
CA ILE B 332 5.28 26.03 -1.34
C ILE B 332 4.68 27.09 -0.42
N ARG B 333 5.48 28.10 -0.05
CA ARG B 333 4.96 29.19 0.78
C ARG B 333 3.84 29.93 0.07
N LYS B 334 4.01 30.25 -1.22
CA LYS B 334 3.01 31.04 -1.92
C LYS B 334 1.75 30.25 -2.26
N GLU B 335 1.83 28.92 -2.33
CA GLU B 335 0.70 28.14 -2.82
C GLU B 335 -0.18 27.57 -1.72
N VAL B 336 0.33 27.41 -0.50
CA VAL B 336 -0.33 26.60 0.51
C VAL B 336 0.04 27.11 1.90
N LYS B 337 -0.67 26.63 2.93
CA LYS B 337 -0.56 27.22 4.26
C LYS B 337 -0.74 26.16 5.34
N GLY B 338 -0.40 26.55 6.57
CA GLY B 338 -0.72 25.74 7.74
C GLY B 338 0.19 24.54 7.94
N ASP B 339 -0.40 23.46 8.42
CA ASP B 339 0.36 22.23 8.63
C ASP B 339 0.77 21.60 7.30
N LEU B 340 -0.08 21.73 6.27
CA LEU B 340 0.28 21.25 4.94
C LEU B 340 1.54 21.95 4.44
N GLU B 341 1.62 23.27 4.66
CA GLU B 341 2.78 24.03 4.20
C GLU B 341 4.04 23.60 4.94
N ASN B 342 3.99 23.59 6.27
CA ASN B 342 5.13 23.12 7.06
C ASN B 342 5.56 21.73 6.61
N ALA B 343 4.59 20.83 6.39
CA ALA B 343 4.93 19.48 5.95
C ALA B 343 5.70 19.52 4.63
N PHE B 344 5.14 20.20 3.62
CA PHE B 344 5.82 20.27 2.33
C PHE B 344 7.22 20.88 2.48
N LEU B 345 7.34 21.95 3.25
CA LEU B 345 8.64 22.58 3.46
C LEU B 345 9.64 21.62 4.10
N ASN B 346 9.20 20.87 5.11
CA ASN B 346 10.08 19.89 5.72
C ASN B 346 10.43 18.80 4.72
N LEU B 347 9.42 18.30 3.98
CA LEU B 347 9.67 17.23 3.02
C LEU B 347 10.69 17.64 1.97
N VAL B 348 10.57 18.85 1.42
CA VAL B 348 11.47 19.24 0.34
C VAL B 348 12.88 19.53 0.86
N GLN B 349 13.01 20.08 2.08
CA GLN B 349 14.33 20.19 2.69
C GLN B 349 14.98 18.83 2.89
N CYS B 350 14.20 17.85 3.34
CA CYS B 350 14.75 16.51 3.53
C CYS B 350 15.18 15.89 2.21
N ILE B 351 14.45 16.18 1.13
CA ILE B 351 14.84 15.68 -0.19
C ILE B 351 16.12 16.35 -0.64
N GLN B 352 16.22 17.68 -0.46
CA GLN B 352 17.33 18.45 -1.04
C GLN B 352 18.63 18.23 -0.27
N ASN B 353 18.56 18.26 1.07
CA ASN B 353 19.78 18.16 1.87
C ASN B 353 19.32 17.85 3.30
N LYS B 354 19.16 16.55 3.58
CA LYS B 354 18.70 16.13 4.90
C LYS B 354 19.65 16.55 6.02
N PRO B 355 20.97 16.43 5.89
CA PRO B 355 21.83 16.93 6.99
C PRO B 355 21.71 18.42 7.22
N LEU B 356 21.57 19.22 6.15
CA LEU B 356 21.31 20.65 6.32
C LEU B 356 19.99 20.88 7.04
N TYR B 357 18.96 20.09 6.71
CA TYR B 357 17.67 20.19 7.37
C TYR B 357 17.81 20.01 8.88
N PHE B 358 18.54 18.97 9.30
CA PHE B 358 18.73 18.76 10.74
C PHE B 358 19.63 19.82 11.35
N ALA B 359 20.64 20.28 10.60
CA ALA B 359 21.46 21.39 11.08
C ALA B 359 20.60 22.62 11.38
N ASP B 360 19.73 23.02 10.44
CA ASP B 360 18.84 24.16 10.68
C ASP B 360 17.88 23.88 11.83
N ARG B 361 17.35 22.65 11.92
CA ARG B 361 16.50 22.29 13.05
C ARG B 361 17.26 22.41 14.38
N LEU B 362 18.54 22.02 14.39
CA LEU B 362 19.30 22.14 15.64
C LEU B 362 19.57 23.59 15.98
N TYR B 363 19.95 24.39 14.98
CA TYR B 363 20.10 25.83 15.19
C TYR B 363 18.81 26.44 15.75
N ASP B 364 17.68 26.13 15.12
CA ASP B 364 16.42 26.72 15.57
C ASP B 364 16.11 26.37 17.00
N SER B 365 16.47 25.15 17.43
CA SER B 365 16.11 24.74 18.78
C SER B 365 16.96 25.44 19.84
N MET B 366 18.06 26.09 19.45
CA MET B 366 18.98 26.72 20.40
C MET B 366 19.14 28.21 20.21
N LYS B 367 18.67 28.79 19.09
CA LYS B 367 19.14 30.12 18.71
C LYS B 367 18.66 31.20 19.66
N GLY B 368 17.46 31.06 20.23
CA GLY B 368 16.87 32.14 21.00
C GLY B 368 16.83 31.90 22.51
N LYS B 369 15.84 32.49 23.18
CA LYS B 369 15.71 32.28 24.62
C LYS B 369 15.42 30.81 24.93
N GLY B 370 16.21 30.24 25.84
CA GLY B 370 16.00 28.85 26.21
C GLY B 370 16.30 27.87 25.08
N THR B 371 15.76 26.66 25.22
CA THR B 371 16.09 25.55 24.33
C THR B 371 14.83 24.76 24.05
N ARG B 372 14.62 24.39 22.78
CA ARG B 372 13.59 23.40 22.46
C ARG B 372 14.22 22.01 22.66
N ASP B 373 14.27 21.59 23.92
CA ASP B 373 15.04 20.41 24.29
C ASP B 373 14.51 19.15 23.62
N LYS B 374 13.19 19.03 23.48
CA LYS B 374 12.61 17.86 22.82
C LYS B 374 13.14 17.70 21.40
N VAL B 375 13.28 18.80 20.67
CA VAL B 375 13.81 18.72 19.30
C VAL B 375 15.32 18.42 19.34
N LEU B 376 16.06 19.19 20.14
CA LEU B 376 17.51 18.98 20.22
C LEU B 376 17.83 17.55 20.62
N ILE B 377 17.10 17.00 21.60
CA ILE B 377 17.39 15.65 22.08
C ILE B 377 17.05 14.61 21.02
N ARG B 378 15.89 14.76 20.36
CA ARG B 378 15.45 13.75 19.40
C ARG B 378 16.43 13.63 18.25
N ILE B 379 16.98 14.75 17.80
CA ILE B 379 17.92 14.73 16.67
C ILE B 379 19.26 14.15 17.12
N MET B 380 19.78 14.60 18.27
CA MET B 380 21.06 14.08 18.73
C MET B 380 21.02 12.57 18.96
N VAL B 381 19.89 12.04 19.42
CA VAL B 381 19.77 10.60 19.61
C VAL B 381 19.61 9.89 18.27
N SER B 382 18.63 10.32 17.47
CA SER B 382 18.23 9.55 16.29
C SER B 382 19.24 9.63 15.15
N ARG B 383 20.01 10.72 15.07
CA ARG B 383 20.94 10.88 13.97
C ARG B 383 22.38 10.57 14.37
N SER B 384 22.63 10.24 15.64
CA SER B 384 23.99 9.98 16.10
C SER B 384 24.62 8.79 15.38
N GLU B 385 23.82 7.83 14.92
CA GLU B 385 24.37 6.70 14.19
C GLU B 385 24.04 6.74 12.70
N VAL B 386 23.60 7.88 12.20
CA VAL B 386 23.21 8.00 10.80
C VAL B 386 24.12 8.99 10.08
N ASP B 387 23.91 10.29 10.30
CA ASP B 387 24.61 11.30 9.51
C ASP B 387 25.07 12.47 10.34
N MET B 388 25.30 12.27 11.63
CA MET B 388 25.70 13.36 12.52
C MET B 388 26.95 14.08 12.01
N LEU B 389 27.89 13.35 11.38
CA LEU B 389 29.09 13.99 10.85
C LEU B 389 28.73 14.96 9.71
N LYS B 390 27.80 14.58 8.84
CA LYS B 390 27.36 15.52 7.81
C LYS B 390 26.62 16.70 8.42
N ILE B 391 25.76 16.45 9.41
CA ILE B 391 25.05 17.54 10.08
C ILE B 391 26.03 18.55 10.66
N ARG B 392 27.03 18.06 11.40
CA ARG B 392 28.03 18.95 11.98
C ARG B 392 28.75 19.75 10.90
N SER B 393 29.01 19.12 9.76
CA SER B 393 29.71 19.80 8.68
C SER B 393 28.84 20.89 8.06
N GLU B 394 27.58 20.57 7.75
CA GLU B 394 26.65 21.58 7.28
C GLU B 394 26.47 22.69 8.32
N PHE B 395 26.39 22.31 9.60
CA PHE B 395 26.19 23.29 10.65
C PHE B 395 27.33 24.32 10.68
N LYS B 396 28.58 23.84 10.75
CA LYS B 396 29.70 24.77 10.85
C LYS B 396 29.86 25.60 9.59
N ARG B 397 29.62 25.01 8.41
CA ARG B 397 29.70 25.78 7.17
C ARG B 397 28.69 26.92 7.17
N LYS B 398 27.45 26.64 7.57
CA LYS B 398 26.43 27.68 7.50
C LYS B 398 26.55 28.67 8.66
N TYR B 399 26.72 28.20 9.89
CA TYR B 399 26.65 29.08 11.05
C TYR B 399 28.01 29.56 11.54
N GLY B 400 29.11 28.98 11.07
CA GLY B 400 30.44 29.48 11.37
C GLY B 400 31.07 28.90 12.62
N LYS B 401 30.26 28.57 13.63
CA LYS B 401 30.73 27.86 14.81
C LYS B 401 30.18 26.45 14.79
N SER B 402 30.78 25.58 15.60
CA SER B 402 30.41 24.18 15.56
C SER B 402 29.09 23.94 16.29
N LEU B 403 28.43 22.84 15.93
CA LEU B 403 27.28 22.36 16.70
C LEU B 403 27.66 22.17 18.17
N TYR B 404 28.85 21.61 18.40
CA TYR B 404 29.38 21.46 19.76
C TYR B 404 29.35 22.79 20.51
N TYR B 405 29.79 23.86 19.84
CA TYR B 405 29.79 25.19 20.47
C TYR B 405 28.40 25.59 20.92
N TYR B 406 27.40 25.37 20.06
CA TYR B 406 26.04 25.80 20.41
C TYR B 406 25.47 24.95 21.54
N ILE B 407 25.60 23.62 21.45
CA ILE B 407 25.13 22.75 22.52
C ILE B 407 25.79 23.13 23.84
N GLN B 408 27.08 23.47 23.80
CA GLN B 408 27.81 23.82 25.01
C GLN B 408 27.25 25.09 25.63
N GLN B 409 26.86 26.06 24.81
CA GLN B 409 26.32 27.31 25.33
C GLN B 409 24.93 27.13 25.90
N ASP B 410 24.15 26.20 25.35
CA ASP B 410 22.71 26.14 25.63
C ASP B 410 22.31 25.13 26.70
N THR B 411 23.13 24.12 26.95
CA THR B 411 22.82 23.12 27.95
C THR B 411 23.92 23.11 29.01
N LYS B 412 23.61 22.52 30.16
CA LYS B 412 24.57 22.46 31.26
C LYS B 412 24.51 21.09 31.91
N GLY B 413 25.42 20.87 32.86
CA GLY B 413 25.41 19.66 33.66
C GLY B 413 25.71 18.42 32.86
N ASP B 414 25.25 17.29 33.39
CA ASP B 414 25.52 16.01 32.76
C ASP B 414 24.72 15.84 31.47
N TYR B 415 23.53 16.43 31.43
CA TYR B 415 22.78 16.57 30.19
C TYR B 415 23.65 17.13 29.07
N GLN B 416 24.35 18.24 29.34
CA GLN B 416 25.25 18.82 28.33
C GLN B 416 26.30 17.81 27.90
N LYS B 417 26.96 17.16 28.86
CA LYS B 417 28.03 16.23 28.53
C LYS B 417 27.50 15.06 27.70
N ALA B 418 26.30 14.57 28.03
CA ALA B 418 25.68 13.51 27.22
C ALA B 418 25.47 13.97 25.77
N LEU B 419 24.99 15.20 25.57
CA LEU B 419 24.77 15.68 24.21
C LEU B 419 26.09 15.86 23.48
N LEU B 420 27.12 16.36 24.18
CA LEU B 420 28.41 16.61 23.52
C LEU B 420 29.03 15.31 23.01
N TYR B 421 28.89 14.23 23.79
CA TYR B 421 29.36 12.93 23.33
C TYR B 421 28.60 12.49 22.08
N LEU B 422 27.28 12.64 22.10
CA LEU B 422 26.48 12.32 20.92
C LEU B 422 26.88 13.20 19.74
N CYS B 423 27.23 14.45 19.99
CA CYS B 423 27.79 15.28 18.93
C CYS B 423 29.10 14.68 18.43
N GLY B 424 30.01 14.37 19.32
CA GLY B 424 31.20 13.62 19.00
C GLY B 424 32.47 14.42 18.75
N GLY B 425 32.52 15.67 19.18
CA GLY B 425 33.70 16.47 18.93
C GLY B 425 33.40 17.83 18.35
N ASP B 426 34.34 18.76 18.49
CA ASP B 426 34.21 20.12 17.99
C ASP B 426 34.50 20.18 16.50
N ASP B 427 34.28 21.35 15.92
CA ASP B 427 34.61 21.60 14.51
C ASP B 427 35.18 23.01 14.33
N GLU C 7 21.07 -13.91 -2.33
CA GLU C 7 22.45 -14.18 -1.95
C GLU C 7 22.75 -15.68 -1.91
N TPO C 8 24.02 -16.01 -1.74
CA TPO C 8 24.49 -17.40 -1.82
CB TPO C 8 25.97 -17.42 -2.26
CG2 TPO C 8 26.57 -18.83 -2.13
OG1 TPO C 8 26.10 -16.80 -3.56
P TPO C 8 26.58 -17.73 -4.80
O1P TPO C 8 26.35 -16.96 -6.04
O2P TPO C 8 28.15 -18.05 -4.71
O3P TPO C 8 25.72 -19.09 -4.94
C TPO C 8 24.30 -18.16 -0.49
O TPO C 8 24.74 -17.71 0.57
N GLN C 9 23.64 -19.31 -0.59
CA GLN C 9 23.26 -20.10 0.58
C GLN C 9 24.35 -21.05 1.05
N LEU C 10 24.91 -20.79 2.23
CA LEU C 10 25.93 -21.67 2.78
C LEU C 10 25.35 -22.57 3.87
N TPO D 8 -21.44 -4.12 9.59
CA TPO D 8 -21.82 -3.86 10.98
CB TPO D 8 -21.95 -2.35 11.24
CG2 TPO D 8 -21.10 -1.92 12.45
OG1 TPO D 8 -21.73 -1.54 10.06
P TPO D 8 -20.21 -1.07 9.80
O1P TPO D 8 -20.06 -0.72 8.37
O2P TPO D 8 -19.86 0.26 10.67
O3P TPO D 8 -19.14 -2.23 10.13
C TPO D 8 -23.12 -4.58 11.34
O TPO D 8 -24.15 -4.34 10.72
N GLN D 9 -23.06 -5.45 12.34
CA GLN D 9 -24.26 -6.11 12.84
C GLN D 9 -25.01 -5.14 13.75
N LEU D 10 -26.29 -4.93 13.47
CA LEU D 10 -27.09 -3.99 14.23
C LEU D 10 -27.92 -4.70 15.30
C1 GOL E . -13.83 3.23 -15.46
O1 GOL E . -14.19 3.28 -16.80
C2 GOL E . -13.52 4.67 -15.03
O2 GOL E . -12.93 4.73 -13.76
C3 GOL E . -12.57 5.19 -16.12
O3 GOL E . -11.30 4.81 -15.70
C1 CIT F . -10.62 -18.25 -31.06
O1 CIT F . -11.28 -17.74 -30.16
O2 CIT F . -9.47 -18.66 -30.90
C2 CIT F . -11.27 -18.40 -32.41
C3 CIT F . -12.63 -19.08 -32.36
O7 CIT F . -13.39 -18.47 -31.34
C4 CIT F . -13.37 -18.94 -33.69
C5 CIT F . -14.72 -19.62 -33.69
O3 CIT F . -15.14 -20.15 -34.74
O4 CIT F . -15.35 -19.64 -32.62
C6 CIT F . -12.47 -20.59 -32.01
O5 CIT F . -11.32 -21.02 -31.87
O6 CIT F . -13.51 -21.25 -31.87
CA CA G . -8.07 -29.23 -18.87
CA CA H . 4.17 -10.29 -22.68
CA CA I . -21.89 -35.29 -21.26
CA CA J . -1.72 17.15 -34.96
CA CA K . -19.54 -14.60 -35.85
C1 CIT L . 18.64 20.10 32.37
O1 CIT L . 18.32 20.70 31.30
O2 CIT L . 17.98 19.10 32.74
C2 CIT L . 19.79 20.61 33.19
C3 CIT L . 19.27 21.23 34.49
O7 CIT L . 18.22 20.40 35.02
C4 CIT L . 20.39 21.34 35.53
C5 CIT L . 21.44 20.26 35.29
O3 CIT L . 22.56 20.57 34.84
O4 CIT L . 21.20 19.07 35.55
C6 CIT L . 18.69 22.62 34.22
O5 CIT L . 18.08 22.87 33.16
O6 CIT L . 18.83 23.54 35.06
C1 GOL M . 13.07 12.04 2.46
O1 GOL M . 13.62 12.17 3.72
C2 GOL M . 12.22 10.77 2.54
O2 GOL M . 10.98 10.94 1.96
C3 GOL M . 13.09 9.65 1.90
O3 GOL M . 12.23 8.64 1.46
C1 CIT N . 13.64 26.25 28.05
O1 CIT N . 14.00 27.43 28.32
O2 CIT N . 14.51 25.36 27.96
C2 CIT N . 12.17 25.95 27.82
C3 CIT N . 11.88 24.48 27.52
O7 CIT N . 13.12 23.76 27.31
C4 CIT N . 11.13 23.86 28.71
C5 CIT N . 10.80 22.41 28.47
O3 CIT N . 9.72 22.08 27.94
O4 CIT N . 11.60 21.50 28.80
C6 CIT N . 11.01 24.41 26.27
O5 CIT N . 10.49 25.45 25.79
O6 CIT N . 10.82 23.32 25.68
CA CA O . 11.97 7.39 -10.08
CA CA P . 25.06 12.61 41.46
CA CA Q . 11.00 10.16 35.94
CA CA R . -5.24 12.53 19.88
CA CA S . -2.78 30.52 -6.11
CA CA T . 19.17 29.36 23.43
#